data_5BUN
#
_entry.id   5BUN
#
_cell.length_a   246.847
_cell.length_b   246.847
_cell.length_c   65.676
_cell.angle_alpha   90.000
_cell.angle_beta   90.000
_cell.angle_gamma   90.000
#
_symmetry.space_group_name_H-M   'I 4'
#
loop_
_entity.id
_entity.type
_entity.pdbx_description
1 polymer 'Outer membrane protein'
2 non-polymer 'octyl beta-D-glucopyranoside'
3 water water
#
_entity_poly.entity_id   1
_entity_poly.type   'polypeptide(L)'
_entity_poly.pdbx_seq_one_letter_code
;ENLMQVYQQARLSNPELRKSAADRDAAFEKINEARSPLLPQLGLGADYTYSNGYRDANGINSNETSASLQLTQTLFDMSK
WRGLTLQEKAAGIQDVTYQTDQQTLILNTANAYFKVLNAIDVLSYTQAQKEAIYRQLDQTTQRFNVGLVAITDVQNARAQ
YDTVLANEVTARNNLDNAVEELRQVTGNYYPELASLNVEHFKTDKPKAVNALLKEAENRNLSLLQARLSQDLAREQIRQA
QDGHLPTLNLTASTGISDTSYSGSKTNSTQYDDSNMGQNKIGLNFSLPLYQGGMVNSQVKQAQYNFVGASEQLESAHRSV
VQTVRSSFNNINASISSINAYKQAVVSAQSSLDAMEAGYSVGTRTIVDVLDATTTLYDAKQQLANARYTYLINQLNIKYA
LGTLNEQDLLALNSTLGKPIPTSPESVAPETPDQDAAADGYNAHSAAPAVQPTAARANSNNGNPFRH
;
_entity_poly.pdbx_strand_id   A,B,C
#
# COMPACT_ATOMS: atom_id res chain seq x y z
N GLU A 1 -12.62 28.09 13.98
CA GLU A 1 -13.80 27.85 14.81
C GLU A 1 -14.73 26.84 14.14
N ASN A 2 -15.44 27.26 13.09
CA ASN A 2 -16.27 26.31 12.37
C ASN A 2 -15.46 25.61 11.28
N LEU A 3 -16.13 24.85 10.44
CA LEU A 3 -15.50 23.95 9.50
C LEU A 3 -14.77 24.69 8.36
N MET A 4 -15.44 25.68 7.77
CA MET A 4 -14.86 26.49 6.69
C MET A 4 -13.52 27.12 7.12
N GLN A 5 -13.55 27.80 8.25
CA GLN A 5 -12.37 28.44 8.84
C GLN A 5 -11.26 27.41 9.12
N VAL A 6 -11.66 26.25 9.63
CA VAL A 6 -10.73 25.17 9.90
C VAL A 6 -10.05 24.68 8.61
N TYR A 7 -10.83 24.51 7.56
CA TYR A 7 -10.29 24.09 6.26
C TYR A 7 -9.38 25.17 5.65
N GLN A 8 -9.84 26.41 5.67
CA GLN A 8 -9.09 27.53 5.10
C GLN A 8 -7.73 27.67 5.79
N GLN A 9 -7.69 27.38 7.08
CA GLN A 9 -6.43 27.26 7.82
C GLN A 9 -5.60 26.12 7.24
N ALA A 10 -6.27 25.01 7.00
CA ALA A 10 -5.63 23.73 6.70
C ALA A 10 -5.05 23.69 5.29
N ARG A 11 -5.75 24.25 4.32
CA ARG A 11 -5.25 24.28 2.95
C ARG A 11 -4.00 25.14 2.88
N LEU A 12 -3.89 26.09 3.82
CA LEU A 12 -2.80 27.05 3.82
C LEU A 12 -1.42 26.41 4.05
N SER A 13 -1.40 25.21 4.61
CA SER A 13 -0.15 24.65 5.11
C SER A 13 -0.02 23.13 5.01
N ASN A 14 -1.10 22.44 4.67
CA ASN A 14 -1.12 20.97 4.70
C ASN A 14 -0.13 20.35 3.72
N PRO A 15 0.81 19.56 4.25
CA PRO A 15 1.91 18.92 3.53
C PRO A 15 1.46 18.12 2.30
N GLU A 16 0.62 17.11 2.52
CA GLU A 16 0.14 16.21 1.48
C GLU A 16 -0.35 16.92 0.21
N LEU A 17 -1.00 18.07 0.40
CA LEU A 17 -1.50 18.86 -0.72
C LEU A 17 -0.40 19.69 -1.36
N ARG A 18 0.49 20.24 -0.53
CA ARG A 18 1.60 21.04 -1.03
C ARG A 18 2.60 20.15 -1.75
N LYS A 19 2.87 18.99 -1.15
CA LYS A 19 3.77 18.00 -1.75
C LYS A 19 3.23 17.52 -3.09
N SER A 20 1.91 17.56 -3.23
CA SER A 20 1.25 17.24 -4.49
C SER A 20 1.49 18.35 -5.52
N ALA A 21 1.46 19.59 -5.05
CA ALA A 21 1.72 20.75 -5.92
C ALA A 21 3.14 20.72 -6.46
N ALA A 22 4.09 20.40 -5.58
CA ALA A 22 5.50 20.34 -5.93
C ALA A 22 5.73 19.30 -7.03
N ASP A 23 4.94 18.23 -7.01
CA ASP A 23 4.98 17.22 -8.06
C ASP A 23 4.39 17.75 -9.36
N ARG A 24 3.28 18.47 -9.24
CA ARG A 24 2.63 19.08 -10.40
C ARG A 24 3.54 20.15 -11.01
N ASP A 25 4.13 20.97 -10.17
CA ASP A 25 5.06 22.02 -10.60
C ASP A 25 6.20 21.43 -11.42
N ALA A 26 6.91 20.47 -10.82
CA ALA A 26 8.00 19.78 -11.49
C ALA A 26 7.55 19.12 -12.78
N ALA A 27 6.39 18.49 -12.73
CA ALA A 27 5.86 17.79 -13.90
C ALA A 27 5.57 18.76 -15.05
N PHE A 28 5.20 19.99 -14.72
CA PHE A 28 5.00 21.02 -15.73
C PHE A 28 6.32 21.65 -16.14
N GLU A 29 7.21 21.83 -15.17
CA GLU A 29 8.55 22.34 -15.42
C GLU A 29 9.30 21.45 -16.40
N LYS A 30 9.18 20.15 -16.22
CA LYS A 30 9.94 19.15 -16.98
C LYS A 30 9.60 19.15 -18.47
N ILE A 31 8.59 19.91 -18.87
CA ILE A 31 8.27 20.07 -20.28
C ILE A 31 9.45 20.74 -20.99
N ASN A 32 10.04 21.73 -20.33
CA ASN A 32 11.18 22.47 -20.88
C ASN A 32 12.38 21.55 -21.13
N GLU A 33 12.52 20.53 -20.29
CA GLU A 33 13.59 19.55 -20.47
C GLU A 33 13.25 18.62 -21.63
N ALA A 34 11.96 18.44 -21.88
CA ALA A 34 11.51 17.60 -22.99
C ALA A 34 11.59 18.35 -24.32
N ARG A 35 11.57 19.68 -24.25
CA ARG A 35 11.66 20.52 -25.44
C ARG A 35 13.10 20.75 -25.88
N SER A 36 14.01 20.73 -24.91
CA SER A 36 15.43 21.04 -25.15
C SER A 36 16.12 20.25 -26.27
N PRO A 37 15.82 18.95 -26.45
CA PRO A 37 16.54 18.27 -27.54
C PRO A 37 16.11 18.72 -28.94
N LEU A 38 15.10 19.59 -29.01
CA LEU A 38 14.62 20.11 -30.29
C LEU A 38 15.19 21.50 -30.55
N LEU A 39 15.96 22.00 -29.59
CA LEU A 39 16.51 23.35 -29.66
C LEU A 39 18.02 23.31 -29.90
N PRO A 40 18.59 24.41 -30.44
CA PRO A 40 20.02 24.54 -30.70
C PRO A 40 20.94 24.02 -29.59
N GLN A 41 21.78 23.06 -29.93
CA GLN A 41 22.75 22.50 -29.00
C GLN A 41 24.14 23.05 -29.30
N LEU A 42 24.68 23.85 -28.39
CA LEU A 42 25.93 24.56 -28.64
C LEU A 42 26.99 24.24 -27.59
N GLY A 43 28.14 23.75 -28.05
CA GLY A 43 29.22 23.36 -27.15
C GLY A 43 30.59 23.87 -27.56
N LEU A 44 31.52 23.83 -26.61
CA LEU A 44 32.90 24.25 -26.86
C LEU A 44 33.89 23.18 -26.45
N GLY A 45 34.80 22.83 -27.36
CA GLY A 45 35.81 21.84 -27.07
C GLY A 45 37.21 22.42 -27.16
N ALA A 46 38.17 21.72 -26.58
CA ALA A 46 39.58 22.13 -26.62
C ALA A 46 40.48 20.93 -26.37
N ASP A 47 41.43 20.71 -27.26
CA ASP A 47 42.29 19.53 -27.19
C ASP A 47 43.77 19.89 -27.07
N TYR A 48 44.47 19.20 -26.18
CA TYR A 48 45.93 19.22 -26.21
C TYR A 48 46.45 17.80 -26.38
N THR A 49 46.67 17.40 -27.63
CA THR A 49 47.24 16.10 -27.91
C THR A 49 48.75 16.22 -27.91
N TYR A 50 49.43 15.08 -27.97
CA TYR A 50 50.87 15.04 -28.14
C TYR A 50 51.23 13.63 -28.59
N SER A 51 52.21 13.52 -29.47
CA SER A 51 52.54 12.23 -30.05
C SER A 51 54.03 11.86 -29.94
N ASN A 52 54.40 10.88 -30.76
CA ASN A 52 55.67 10.18 -30.69
C ASN A 52 55.56 9.06 -31.72
N GLY A 53 56.66 8.35 -31.95
CA GLY A 53 56.67 7.23 -32.87
C GLY A 53 57.76 6.24 -32.54
N TYR A 54 57.53 4.98 -32.85
CA TYR A 54 58.53 4.01 -32.47
C TYR A 54 58.58 2.76 -33.34
N ARG A 55 58.04 2.85 -34.55
CA ARG A 55 58.15 1.73 -35.49
C ARG A 55 58.57 2.26 -36.86
N ASP A 56 57.68 2.13 -37.83
CA ASP A 56 57.87 2.78 -39.11
C ASP A 56 58.01 4.27 -38.85
N ALA A 57 57.03 4.83 -38.14
CA ALA A 57 57.18 6.14 -37.54
C ALA A 57 58.30 6.03 -36.52
N ASN A 58 59.48 6.47 -36.92
CA ASN A 58 60.71 6.21 -36.17
C ASN A 58 61.05 7.27 -35.12
N GLY A 59 60.04 8.00 -34.68
CA GLY A 59 60.14 8.84 -33.50
C GLY A 59 59.68 10.23 -33.82
N ILE A 60 58.70 10.31 -34.72
CA ILE A 60 58.06 11.56 -35.07
C ILE A 60 57.16 12.01 -33.93
N ASN A 61 57.60 12.97 -33.13
CA ASN A 61 56.70 13.51 -32.13
C ASN A 61 56.04 14.75 -32.71
N SER A 62 55.09 15.29 -31.98
CA SER A 62 54.34 16.44 -32.44
C SER A 62 53.59 17.05 -31.26
N ASN A 63 52.38 17.55 -31.54
CA ASN A 63 51.34 17.85 -30.54
C ASN A 63 50.15 18.54 -31.20
N GLU A 64 49.23 19.02 -30.37
CA GLU A 64 48.14 19.89 -30.84
C GLU A 64 47.68 20.83 -29.74
N THR A 65 46.99 21.89 -30.14
CA THR A 65 46.24 22.73 -29.22
C THR A 65 45.02 23.23 -29.99
N SER A 66 43.98 22.40 -30.00
CA SER A 66 42.83 22.62 -30.84
C SER A 66 41.67 23.23 -30.07
N ALA A 67 40.67 23.72 -30.80
CA ALA A 67 39.51 24.34 -30.18
C ALA A 67 38.34 24.35 -31.15
N SER A 68 37.16 24.02 -30.66
CA SER A 68 35.96 23.98 -31.48
C SER A 68 34.90 24.97 -31.01
N LEU A 69 33.80 25.05 -31.74
CA LEU A 69 32.62 25.79 -31.31
C LEU A 69 31.41 25.15 -31.98
N GLN A 70 31.05 23.98 -31.46
CA GLN A 70 30.14 23.03 -32.13
C GLN A 70 28.67 23.34 -31.95
N LEU A 71 27.90 23.17 -33.02
CA LEU A 71 26.45 23.37 -32.99
C LEU A 71 25.71 22.13 -33.46
N THR A 72 24.61 21.82 -32.80
CA THR A 72 23.70 20.76 -33.23
C THR A 72 22.29 21.33 -33.35
N GLN A 73 21.59 20.95 -34.41
CA GLN A 73 20.21 21.35 -34.60
C GLN A 73 19.43 20.27 -35.36
N THR A 74 18.54 19.58 -34.66
CA THR A 74 17.72 18.54 -35.28
C THR A 74 16.65 19.19 -36.14
N LEU A 75 16.62 18.82 -37.42
CA LEU A 75 15.67 19.38 -38.37
C LEU A 75 14.45 18.50 -38.49
N PHE A 76 14.65 17.19 -38.33
CA PHE A 76 13.55 16.23 -38.34
C PHE A 76 13.88 15.01 -37.50
N ASP A 77 13.50 15.03 -36.23
CA ASP A 77 13.52 13.85 -35.39
C ASP A 77 12.11 13.70 -34.83
N MET A 78 11.39 12.66 -35.26
CA MET A 78 10.00 12.50 -34.88
C MET A 78 9.90 11.89 -33.48
N SER A 79 10.87 11.06 -33.13
CA SER A 79 10.92 10.47 -31.79
C SER A 79 11.11 11.57 -30.75
N LYS A 80 11.94 12.55 -31.12
CA LYS A 80 12.22 13.68 -30.24
C LYS A 80 11.00 14.58 -30.07
N TRP A 81 10.36 14.89 -31.19
CA TRP A 81 9.14 15.71 -31.19
C TRP A 81 8.02 15.03 -30.40
N ARG A 82 8.02 13.71 -30.40
CA ARG A 82 7.01 12.94 -29.69
C ARG A 82 7.24 12.97 -28.19
N GLY A 83 8.52 12.93 -27.79
CA GLY A 83 8.89 12.90 -26.40
C GLY A 83 8.50 14.15 -25.65
N LEU A 84 8.23 15.23 -26.38
CA LEU A 84 7.81 16.49 -25.78
C LEU A 84 6.35 16.45 -25.34
N THR A 85 5.49 15.98 -26.22
CA THR A 85 4.06 15.95 -25.93
C THR A 85 3.72 14.81 -24.98
N LEU A 86 4.66 13.87 -24.81
CA LEU A 86 4.50 12.84 -23.80
C LEU A 86 4.65 13.45 -22.42
N GLN A 87 5.61 14.36 -22.31
CA GLN A 87 5.87 15.05 -21.05
C GLN A 87 4.81 16.12 -20.79
N GLU A 88 4.24 16.67 -21.86
CA GLU A 88 3.11 17.58 -21.71
C GLU A 88 1.89 16.82 -21.19
N LYS A 89 1.65 15.64 -21.75
CA LYS A 89 0.60 14.76 -21.27
C LYS A 89 0.83 14.35 -19.83
N ALA A 90 2.07 13.97 -19.52
CA ALA A 90 2.46 13.59 -18.17
C ALA A 90 2.15 14.70 -17.17
N ALA A 91 2.33 15.93 -17.60
CA ALA A 91 2.04 17.10 -16.77
C ALA A 91 0.54 17.23 -16.56
N GLY A 92 -0.24 16.80 -17.56
CA GLY A 92 -1.69 16.84 -17.47
C GLY A 92 -2.23 15.86 -16.45
N ILE A 93 -1.70 14.64 -16.49
CA ILE A 93 -2.03 13.59 -15.54
C ILE A 93 -1.75 14.07 -14.11
N GLN A 94 -0.64 14.79 -13.96
CA GLN A 94 -0.22 15.30 -12.66
C GLN A 94 -1.10 16.46 -12.17
N ASP A 95 -1.66 17.23 -13.09
CA ASP A 95 -2.52 18.33 -12.70
C ASP A 95 -3.89 17.81 -12.26
N VAL A 96 -4.35 16.74 -12.90
CA VAL A 96 -5.60 16.08 -12.50
C VAL A 96 -5.38 15.33 -11.19
N THR A 97 -4.21 14.71 -11.07
CA THR A 97 -3.79 14.08 -9.82
C THR A 97 -3.87 15.08 -8.67
N TYR A 98 -3.48 16.32 -8.98
CA TYR A 98 -3.46 17.37 -7.97
C TYR A 98 -4.85 17.83 -7.56
N GLN A 99 -5.75 17.99 -8.53
CA GLN A 99 -7.11 18.41 -8.24
C GLN A 99 -7.81 17.35 -7.41
N THR A 100 -7.49 16.08 -7.68
CA THR A 100 -7.97 14.97 -6.89
C THR A 100 -7.54 15.13 -5.43
N ASP A 101 -6.34 15.66 -5.24
CA ASP A 101 -5.79 15.86 -3.91
C ASP A 101 -6.38 17.07 -3.20
N GLN A 102 -6.95 18.01 -3.96
CA GLN A 102 -7.63 19.15 -3.36
C GLN A 102 -8.96 18.74 -2.74
N GLN A 103 -9.59 17.74 -3.35
CA GLN A 103 -10.87 17.24 -2.84
C GLN A 103 -10.65 16.30 -1.66
N THR A 104 -9.54 15.58 -1.67
CA THR A 104 -9.22 14.65 -0.58
C THR A 104 -8.99 15.41 0.72
N LEU A 105 -8.37 16.59 0.61
CA LEU A 105 -8.12 17.41 1.78
C LEU A 105 -9.42 17.93 2.41
N ILE A 106 -10.37 18.33 1.56
CA ILE A 106 -11.67 18.78 2.05
C ILE A 106 -12.38 17.66 2.79
N LEU A 107 -12.47 16.50 2.13
CA LEU A 107 -13.09 15.31 2.70
C LEU A 107 -12.39 14.89 3.99
N ASN A 108 -11.06 14.81 3.94
CA ASN A 108 -10.27 14.47 5.12
C ASN A 108 -10.47 15.44 6.28
N THR A 109 -10.64 16.73 5.96
CA THR A 109 -10.82 17.74 6.98
C THR A 109 -12.23 17.73 7.56
N ALA A 110 -13.21 17.58 6.68
CA ALA A 110 -14.61 17.45 7.09
C ALA A 110 -14.79 16.29 8.06
N ASN A 111 -14.32 15.11 7.63
CA ASN A 111 -14.32 13.91 8.46
C ASN A 111 -13.64 14.13 9.80
N ALA A 112 -12.43 14.68 9.76
CA ALA A 112 -11.68 15.01 10.97
C ALA A 112 -12.46 15.96 11.88
N TYR A 113 -13.13 16.93 11.26
CA TYR A 113 -13.92 17.92 11.99
C TYR A 113 -15.16 17.28 12.62
N PHE A 114 -15.87 16.47 11.84
CA PHE A 114 -17.11 15.85 12.31
C PHE A 114 -16.85 14.63 13.18
N LYS A 115 -15.63 14.09 13.12
CA LYS A 115 -15.23 13.01 14.01
C LYS A 115 -15.10 13.55 15.44
N VAL A 116 -14.48 14.72 15.56
CA VAL A 116 -14.33 15.40 16.84
C VAL A 116 -15.69 15.76 17.44
N LEU A 117 -16.52 16.43 16.64
CA LEU A 117 -17.87 16.78 17.06
C LEU A 117 -18.65 15.57 17.58
N ASN A 118 -18.66 14.51 16.78
CA ASN A 118 -19.33 13.26 17.18
C ASN A 118 -18.74 12.70 18.46
N ALA A 119 -17.43 12.80 18.61
CA ALA A 119 -16.76 12.27 19.79
C ALA A 119 -17.18 13.02 21.05
N ILE A 120 -17.45 14.30 20.91
CA ILE A 120 -17.95 15.12 22.03
C ILE A 120 -19.33 14.63 22.48
N ASP A 121 -20.19 14.32 21.51
CA ASP A 121 -21.56 13.89 21.80
C ASP A 121 -21.62 12.55 22.49
N VAL A 122 -20.71 11.65 22.12
CA VAL A 122 -20.64 10.33 22.75
C VAL A 122 -20.19 10.46 24.21
N LEU A 123 -19.37 11.46 24.48
CA LEU A 123 -18.93 11.70 25.86
C LEU A 123 -20.04 12.36 26.68
N SER A 124 -20.77 13.28 26.05
CA SER A 124 -21.86 13.98 26.72
C SER A 124 -22.98 13.03 27.16
N TYR A 125 -23.35 12.10 26.27
CA TYR A 125 -24.38 11.12 26.58
C TYR A 125 -23.90 10.08 27.57
N THR A 126 -22.60 9.80 27.55
CA THR A 126 -22.03 8.85 28.49
C THR A 126 -22.08 9.44 29.90
N GLN A 127 -21.70 10.70 30.00
CA GLN A 127 -21.80 11.44 31.26
C GLN A 127 -23.25 11.53 31.73
N ALA A 128 -24.14 11.84 30.80
CA ALA A 128 -25.56 11.97 31.09
C ALA A 128 -26.15 10.65 31.59
N GLN A 129 -25.83 9.56 30.88
CA GLN A 129 -26.25 8.22 31.28
C GLN A 129 -25.66 7.87 32.66
N LYS A 130 -24.43 8.33 32.89
CA LYS A 130 -23.74 8.08 34.14
C LYS A 130 -24.42 8.77 35.31
N GLU A 131 -24.81 10.03 35.12
CA GLU A 131 -25.50 10.79 36.15
C GLU A 131 -26.93 10.28 36.35
N ALA A 132 -27.51 9.74 35.30
CA ALA A 132 -28.84 9.15 35.37
C ALA A 132 -28.79 7.85 36.16
N ILE A 133 -27.79 7.02 35.86
CA ILE A 133 -27.60 5.77 36.59
C ILE A 133 -27.18 6.06 38.01
N TYR A 134 -26.36 7.09 38.21
CA TYR A 134 -25.92 7.40 39.57
C TYR A 134 -27.06 7.92 40.44
N ARG A 135 -28.00 8.65 39.82
CA ARG A 135 -29.17 9.13 40.54
C ARG A 135 -29.91 7.94 41.14
N GLN A 136 -30.12 6.91 40.32
CA GLN A 136 -30.77 5.69 40.76
C GLN A 136 -30.01 4.97 41.86
N LEU A 137 -28.69 4.88 41.72
CA LEU A 137 -27.85 4.22 42.73
C LEU A 137 -27.90 4.98 44.05
N ASP A 138 -27.73 6.30 43.97
CA ASP A 138 -27.74 7.14 45.17
C ASP A 138 -29.06 7.06 45.91
N GLN A 139 -30.16 7.21 45.19
CA GLN A 139 -31.50 7.17 45.79
C GLN A 139 -31.80 5.80 46.39
N THR A 140 -31.47 4.74 45.66
CA THR A 140 -31.69 3.38 46.13
C THR A 140 -30.86 3.11 47.38
N THR A 141 -29.67 3.68 47.42
CA THR A 141 -28.80 3.59 48.59
C THR A 141 -29.48 4.16 49.83
N GLN A 142 -30.09 5.33 49.68
CA GLN A 142 -30.77 5.98 50.79
C GLN A 142 -31.95 5.15 51.30
N ARG A 143 -32.74 4.63 50.37
CA ARG A 143 -33.86 3.76 50.72
C ARG A 143 -33.41 2.49 51.43
N PHE A 144 -32.23 2.02 51.09
CA PHE A 144 -31.71 0.78 51.66
C PHE A 144 -31.25 0.98 53.11
N ASN A 145 -30.69 2.15 53.39
CA ASN A 145 -30.19 2.44 54.72
C ASN A 145 -31.32 2.61 55.73
N VAL A 146 -32.55 2.70 55.24
CA VAL A 146 -33.70 2.74 56.11
C VAL A 146 -34.63 1.56 55.84
N GLY A 147 -34.10 0.54 55.16
CA GLY A 147 -34.79 -0.72 54.96
C GLY A 147 -35.96 -0.72 53.99
N LEU A 148 -36.05 0.29 53.14
CA LEU A 148 -37.18 0.40 52.22
C LEU A 148 -36.93 -0.34 50.89
N VAL A 149 -35.68 -0.70 50.64
CA VAL A 149 -35.36 -1.61 49.53
C VAL A 149 -34.34 -2.64 49.99
N ALA A 150 -34.33 -3.80 49.33
CA ALA A 150 -33.38 -4.86 49.64
C ALA A 150 -31.96 -4.44 49.27
N ILE A 151 -30.97 -5.09 49.88
CA ILE A 151 -29.56 -4.82 49.61
C ILE A 151 -29.23 -5.09 48.14
N THR A 152 -29.91 -6.08 47.58
CA THR A 152 -29.71 -6.50 46.20
C THR A 152 -29.88 -5.34 45.21
N ASP A 153 -30.91 -4.52 45.42
CA ASP A 153 -31.18 -3.38 44.55
C ASP A 153 -29.98 -2.44 44.46
N VAL A 154 -29.33 -2.23 45.60
CA VAL A 154 -28.16 -1.35 45.68
C VAL A 154 -26.96 -1.95 44.96
N GLN A 155 -26.76 -3.25 45.12
CA GLN A 155 -25.60 -3.93 44.56
C GLN A 155 -25.73 -4.14 43.05
N ASN A 156 -26.96 -4.13 42.54
CA ASN A 156 -27.17 -4.22 41.10
C ASN A 156 -26.91 -2.87 40.43
N ALA A 157 -27.29 -1.80 41.12
CA ALA A 157 -27.09 -0.45 40.62
C ALA A 157 -25.60 -0.13 40.51
N ARG A 158 -24.87 -0.35 41.60
CA ARG A 158 -23.45 -0.05 41.68
C ARG A 158 -22.66 -0.74 40.57
N ALA A 159 -23.10 -1.94 40.21
CA ALA A 159 -22.47 -2.71 39.14
C ALA A 159 -22.58 -1.99 37.80
N GLN A 160 -23.81 -1.68 37.40
CA GLN A 160 -24.05 -0.94 36.17
C GLN A 160 -23.37 0.43 36.20
N TYR A 161 -23.29 1.01 37.39
CA TYR A 161 -22.67 2.32 37.54
C TYR A 161 -21.17 2.29 37.28
N ASP A 162 -20.55 1.15 37.57
CA ASP A 162 -19.12 1.00 37.34
C ASP A 162 -18.78 0.60 35.91
N THR A 163 -19.75 -0.01 35.23
CA THR A 163 -19.59 -0.32 33.82
C THR A 163 -19.44 0.97 33.03
N VAL A 164 -20.33 1.91 33.31
CA VAL A 164 -20.38 3.20 32.61
C VAL A 164 -19.16 4.07 32.92
N LEU A 165 -18.75 4.08 34.18
CA LEU A 165 -17.57 4.85 34.59
C LEU A 165 -16.33 4.43 33.80
N ALA A 166 -16.20 3.14 33.53
CA ALA A 166 -15.14 2.64 32.68
C ALA A 166 -15.40 3.05 31.23
N ASN A 167 -16.66 3.04 30.84
CA ASN A 167 -17.05 3.46 29.49
C ASN A 167 -16.70 4.92 29.25
N GLU A 168 -16.90 5.75 30.27
CA GLU A 168 -16.61 7.18 30.16
C GLU A 168 -15.13 7.43 29.92
N VAL A 169 -14.30 6.61 30.55
CA VAL A 169 -12.85 6.70 30.36
C VAL A 169 -12.48 6.58 28.89
N THR A 170 -12.91 5.49 28.26
CA THR A 170 -12.66 5.24 26.84
C THR A 170 -13.16 6.40 25.99
N ALA A 171 -14.32 6.93 26.35
CA ALA A 171 -14.98 7.99 25.59
C ALA A 171 -14.25 9.33 25.67
N ARG A 172 -13.65 9.64 26.82
CA ARG A 172 -12.90 10.90 26.93
C ARG A 172 -11.50 10.73 26.34
N ASN A 173 -11.01 9.50 26.26
CA ASN A 173 -9.76 9.23 25.56
C ASN A 173 -9.97 9.28 24.04
N ASN A 174 -11.13 8.80 23.60
CA ASN A 174 -11.46 8.79 22.19
C ASN A 174 -11.67 10.20 21.64
N LEU A 175 -12.30 11.06 22.43
CA LEU A 175 -12.44 12.47 22.07
C LEU A 175 -11.06 13.11 21.94
N ASP A 176 -10.17 12.77 22.87
CA ASP A 176 -8.84 13.39 22.92
C ASP A 176 -7.88 12.80 21.89
N ASN A 177 -8.29 11.72 21.24
CA ASN A 177 -7.52 11.19 20.12
C ASN A 177 -8.14 11.63 18.80
N ALA A 178 -9.39 12.10 18.87
CA ALA A 178 -10.06 12.68 17.71
C ALA A 178 -9.49 14.06 17.38
N VAL A 179 -9.38 14.89 18.41
CA VAL A 179 -8.76 16.20 18.31
C VAL A 179 -7.32 16.07 17.80
N GLU A 180 -6.68 14.96 18.14
CA GLU A 180 -5.34 14.70 17.64
C GLU A 180 -5.35 14.31 16.17
N GLU A 181 -6.41 13.66 15.72
CA GLU A 181 -6.58 13.41 14.27
C GLU A 181 -6.63 14.77 13.57
N LEU A 182 -7.51 15.63 14.07
CA LEU A 182 -7.76 16.93 13.47
C LEU A 182 -6.53 17.85 13.52
N ARG A 183 -5.66 17.64 14.50
CA ARG A 183 -4.45 18.46 14.59
C ARG A 183 -3.45 18.06 13.51
N GLN A 184 -3.48 16.80 13.12
CA GLN A 184 -2.56 16.29 12.10
C GLN A 184 -2.99 16.73 10.71
N VAL A 185 -4.31 16.86 10.51
CA VAL A 185 -4.85 17.26 9.23
C VAL A 185 -4.74 18.77 9.04
N THR A 186 -5.15 19.53 10.05
CA THR A 186 -5.20 20.98 9.95
C THR A 186 -3.84 21.62 10.23
N GLY A 187 -3.10 21.02 11.16
CA GLY A 187 -1.84 21.59 11.62
C GLY A 187 -2.05 22.44 12.85
N ASN A 188 -3.27 22.42 13.38
CA ASN A 188 -3.64 23.27 14.51
C ASN A 188 -4.43 22.54 15.59
N TYR A 189 -4.47 23.12 16.78
CA TYR A 189 -5.30 22.59 17.86
C TYR A 189 -6.43 23.54 18.22
N TYR A 190 -7.65 23.00 18.30
CA TYR A 190 -8.82 23.83 18.53
C TYR A 190 -9.51 23.46 19.85
N PRO A 191 -9.50 24.40 20.81
CA PRO A 191 -10.19 24.16 22.07
C PRO A 191 -11.70 24.15 21.87
N GLU A 192 -12.23 25.00 20.99
CA GLU A 192 -13.65 24.98 20.68
C GLU A 192 -13.95 25.02 19.18
N LEU A 193 -15.02 24.35 18.80
CA LEU A 193 -15.49 24.30 17.42
C LEU A 193 -16.98 24.64 17.36
N ALA A 194 -17.50 24.91 16.17
CA ALA A 194 -18.93 25.11 16.01
C ALA A 194 -19.67 23.79 16.14
N SER A 195 -20.58 23.72 17.10
CA SER A 195 -21.41 22.54 17.28
C SER A 195 -22.38 22.39 16.13
N LEU A 196 -23.03 21.24 16.06
CA LEU A 196 -24.10 21.03 15.11
C LEU A 196 -25.38 21.67 15.66
N ASN A 197 -26.01 22.52 14.85
CA ASN A 197 -27.31 23.07 15.24
C ASN A 197 -28.37 22.01 14.95
N VAL A 198 -28.84 21.37 16.02
CA VAL A 198 -29.74 20.24 15.91
C VAL A 198 -31.15 20.65 15.50
N GLU A 199 -31.56 21.84 15.93
CA GLU A 199 -32.84 22.39 15.48
C GLU A 199 -32.79 22.67 13.99
N HIS A 200 -31.77 23.42 13.57
CA HIS A 200 -31.62 23.79 12.17
C HIS A 200 -31.24 22.62 11.26
N PHE A 201 -31.17 21.41 11.81
CA PHE A 201 -30.82 20.25 10.99
C PHE A 201 -32.01 19.79 10.16
N LYS A 202 -31.87 19.88 8.84
CA LYS A 202 -32.87 19.33 7.95
C LYS A 202 -32.28 18.17 7.18
N THR A 203 -33.11 17.51 6.38
CA THR A 203 -32.64 16.51 5.43
C THR A 203 -33.20 16.78 4.05
N ASP A 204 -32.33 16.67 3.05
CA ASP A 204 -32.73 16.77 1.65
C ASP A 204 -32.36 15.50 0.91
N LYS A 205 -33.37 14.82 0.37
CA LYS A 205 -33.12 13.64 -0.45
C LYS A 205 -32.35 14.07 -1.70
N PRO A 206 -31.48 13.19 -2.21
CA PRO A 206 -30.56 13.53 -3.30
C PRO A 206 -31.21 13.63 -4.67
N LYS A 207 -30.39 13.96 -5.67
CA LYS A 207 -30.82 13.94 -7.06
C LYS A 207 -30.98 12.49 -7.50
N ALA A 208 -31.54 12.28 -8.69
CA ALA A 208 -31.70 10.93 -9.22
C ALA A 208 -30.34 10.30 -9.49
N VAL A 209 -30.25 8.98 -9.28
CA VAL A 209 -28.96 8.29 -9.34
C VAL A 209 -28.42 8.19 -10.77
N ASN A 210 -29.32 8.16 -11.75
CA ASN A 210 -28.93 8.15 -13.15
C ASN A 210 -28.46 9.54 -13.57
N ALA A 211 -29.03 10.56 -12.93
CA ALA A 211 -28.55 11.92 -13.11
C ALA A 211 -27.16 12.06 -12.50
N LEU A 212 -27.02 11.55 -11.27
CA LEU A 212 -25.73 11.57 -10.58
C LEU A 212 -24.67 10.78 -11.35
N LEU A 213 -25.10 9.74 -12.04
CA LEU A 213 -24.18 8.92 -12.84
C LEU A 213 -23.80 9.62 -14.14
N LYS A 214 -24.80 10.18 -14.82
CA LYS A 214 -24.59 10.91 -16.06
C LYS A 214 -23.58 12.05 -15.90
N GLU A 215 -23.57 12.67 -14.72
CA GLU A 215 -22.64 13.76 -14.46
C GLU A 215 -21.24 13.25 -14.10
N ALA A 216 -21.19 12.27 -13.20
CA ALA A 216 -19.94 11.67 -12.77
C ALA A 216 -19.12 11.24 -13.97
N GLU A 217 -19.82 10.72 -14.97
CA GLU A 217 -19.25 10.41 -16.28
C GLU A 217 -18.41 11.55 -16.81
N ASN A 218 -18.95 12.76 -16.73
CA ASN A 218 -18.27 13.94 -17.25
C ASN A 218 -17.17 14.46 -16.33
N ARG A 219 -17.44 14.48 -15.01
CA ARG A 219 -16.61 15.26 -14.10
C ARG A 219 -15.92 14.52 -12.96
N ASN A 220 -16.01 13.19 -12.92
CA ASN A 220 -15.23 12.45 -11.93
C ASN A 220 -13.75 12.60 -12.27
N LEU A 221 -12.93 12.76 -11.23
CA LEU A 221 -11.52 13.04 -11.43
C LEU A 221 -10.67 11.79 -11.65
N SER A 222 -10.95 10.73 -10.89
CA SER A 222 -10.27 9.45 -11.10
C SER A 222 -10.59 8.93 -12.49
N LEU A 223 -11.75 9.31 -13.00
CA LEU A 223 -12.22 8.86 -14.31
C LEU A 223 -11.58 9.67 -15.44
N LEU A 224 -11.39 10.96 -15.23
CA LEU A 224 -10.76 11.81 -16.25
C LEU A 224 -9.27 11.51 -16.34
N GLN A 225 -8.62 11.43 -15.19
CA GLN A 225 -7.20 11.09 -15.11
C GLN A 225 -6.93 9.76 -15.80
N ALA A 226 -7.87 8.83 -15.65
CA ALA A 226 -7.82 7.54 -16.31
C ALA A 226 -7.86 7.70 -17.82
N ARG A 227 -8.73 8.60 -18.29
CA ARG A 227 -8.84 8.85 -19.73
C ARG A 227 -7.59 9.55 -20.25
N LEU A 228 -6.84 10.19 -19.36
CA LEU A 228 -5.60 10.85 -19.74
C LEU A 228 -4.41 9.90 -19.67
N SER A 229 -4.37 9.06 -18.64
CA SER A 229 -3.30 8.06 -18.51
C SER A 229 -3.36 7.03 -19.64
N GLN A 230 -4.56 6.81 -20.18
CA GLN A 230 -4.73 5.93 -21.33
C GLN A 230 -4.29 6.62 -22.62
N ASP A 231 -4.60 7.91 -22.74
CA ASP A 231 -4.23 8.70 -23.91
C ASP A 231 -2.71 8.78 -24.03
N LEU A 232 -2.04 8.87 -22.87
CA LEU A 232 -0.58 8.88 -22.81
C LEU A 232 0.00 7.55 -23.30
N ALA A 233 -0.60 6.45 -22.84
CA ALA A 233 -0.21 5.12 -23.28
C ALA A 233 -0.32 4.98 -24.79
N ARG A 234 -1.29 5.68 -25.37
CA ARG A 234 -1.48 5.65 -26.81
C ARG A 234 -0.36 6.38 -27.52
N GLU A 235 0.07 7.51 -26.96
CA GLU A 235 1.13 8.30 -27.55
C GLU A 235 2.48 7.59 -27.48
N GLN A 236 2.62 6.71 -26.49
CA GLN A 236 3.85 5.94 -26.32
C GLN A 236 3.95 4.83 -27.36
N ILE A 237 2.81 4.37 -27.87
CA ILE A 237 2.79 3.47 -29.02
C ILE A 237 3.50 4.13 -30.19
N ARG A 238 3.20 5.40 -30.41
CA ARG A 238 3.75 6.16 -31.54
C ARG A 238 5.23 6.48 -31.37
N GLN A 239 5.65 6.84 -30.14
CA GLN A 239 7.06 7.12 -29.89
C GLN A 239 7.89 5.88 -30.18
N ALA A 240 7.36 4.73 -29.79
CA ALA A 240 7.97 3.45 -30.14
C ALA A 240 7.87 3.23 -31.64
N GLN A 241 6.74 3.63 -32.22
CA GLN A 241 6.50 3.47 -33.66
C GLN A 241 7.44 4.36 -34.48
N ASP A 242 7.80 5.50 -33.92
CA ASP A 242 8.68 6.45 -34.61
C ASP A 242 10.14 5.97 -34.66
N GLY A 243 10.36 4.73 -34.24
CA GLY A 243 11.68 4.13 -34.33
C GLY A 243 11.99 3.65 -35.74
N HIS A 244 10.93 3.43 -36.53
CA HIS A 244 11.08 3.04 -37.91
C HIS A 244 11.52 4.21 -38.80
N LEU A 245 11.38 5.43 -38.29
CA LEU A 245 11.55 6.63 -39.10
C LEU A 245 13.00 7.16 -39.15
N PRO A 246 13.35 7.87 -40.24
CA PRO A 246 14.65 8.52 -40.40
C PRO A 246 14.75 9.85 -39.65
N THR A 247 15.96 10.36 -39.50
CA THR A 247 16.17 11.63 -38.82
C THR A 247 17.14 12.53 -39.58
N LEU A 248 17.04 13.84 -39.33
CA LEU A 248 17.86 14.83 -40.04
C LEU A 248 18.47 15.84 -39.07
N ASN A 249 19.80 15.91 -39.07
CA ASN A 249 20.52 16.78 -38.15
C ASN A 249 21.41 17.81 -38.83
N LEU A 250 21.10 19.09 -38.63
CA LEU A 250 22.01 20.18 -38.98
C LEU A 250 23.11 20.23 -37.93
N THR A 251 24.36 20.29 -38.39
CA THR A 251 25.51 20.36 -37.48
C THR A 251 26.59 21.28 -38.02
N ALA A 252 26.64 22.50 -37.49
CA ALA A 252 27.66 23.47 -37.87
C ALA A 252 28.78 23.53 -36.84
N SER A 253 29.99 23.89 -37.28
CA SER A 253 31.14 23.94 -36.40
C SER A 253 32.19 24.93 -36.88
N THR A 254 33.03 25.40 -35.98
CA THR A 254 34.18 26.21 -36.34
C THR A 254 35.35 25.94 -35.39
N GLY A 255 36.55 25.84 -35.95
CA GLY A 255 37.69 25.48 -35.14
C GLY A 255 39.06 25.98 -35.60
N ILE A 256 40.01 25.97 -34.66
CA ILE A 256 41.40 26.30 -34.95
C ILE A 256 42.29 25.17 -34.43
N SER A 257 43.43 24.97 -35.08
CA SER A 257 44.36 23.91 -34.67
C SER A 257 45.78 24.16 -35.17
N ASP A 258 46.66 24.55 -34.26
CA ASP A 258 48.07 24.77 -34.61
C ASP A 258 48.93 23.61 -34.10
N THR A 259 49.88 23.18 -34.94
CA THR A 259 50.54 21.89 -34.76
C THR A 259 52.08 21.93 -34.88
N SER A 260 52.77 21.28 -33.93
CA SER A 260 54.23 21.25 -33.92
C SER A 260 54.83 19.86 -34.22
N TYR A 261 56.17 19.76 -34.26
CA TYR A 261 56.89 18.50 -34.54
C TYR A 261 58.30 18.51 -33.81
N SER A 262 59.25 17.57 -34.08
CA SER A 262 60.35 17.29 -33.10
C SER A 262 61.82 17.13 -33.45
N GLY A 263 62.28 15.89 -33.28
CA GLY A 263 63.70 15.60 -33.15
C GLY A 263 64.49 15.22 -34.39
N SER A 264 64.81 13.93 -34.53
CA SER A 264 65.33 13.43 -35.81
C SER A 264 64.69 12.26 -36.56
N LYS A 265 63.82 12.54 -37.53
CA LYS A 265 62.61 11.85 -37.99
C LYS A 265 62.63 11.89 -39.60
N THR A 266 62.66 13.13 -40.13
CA THR A 266 61.89 13.45 -41.33
C THR A 266 61.95 14.95 -41.65
N ASN A 267 61.31 15.21 -42.77
CA ASN A 267 61.17 16.65 -42.99
C ASN A 267 60.40 17.03 -44.25
N SER A 268 60.18 18.34 -44.37
CA SER A 268 59.40 18.97 -45.45
C SER A 268 59.87 18.93 -46.91
N THR A 269 58.95 18.83 -47.88
CA THR A 269 57.58 19.38 -47.75
C THR A 269 56.37 18.50 -47.40
N GLN A 270 56.69 17.30 -46.93
CA GLN A 270 56.04 16.33 -46.05
C GLN A 270 55.29 16.83 -44.78
N TYR A 271 55.97 17.44 -43.80
CA TYR A 271 55.38 18.28 -42.76
C TYR A 271 55.71 19.49 -41.95
N ASP A 272 54.72 20.04 -41.23
CA ASP A 272 54.84 20.95 -40.17
C ASP A 272 54.11 21.92 -39.37
N ASP A 273 54.75 23.00 -38.92
CA ASP A 273 54.00 24.15 -38.39
C ASP A 273 52.83 24.14 -39.34
N SER A 274 51.67 23.89 -38.76
CA SER A 274 50.38 24.14 -39.36
C SER A 274 49.59 25.07 -38.46
N ASN A 275 48.55 25.72 -38.99
CA ASN A 275 47.72 26.58 -38.16
C ASN A 275 46.32 26.51 -38.79
N MET A 276 45.95 25.31 -39.24
CA MET A 276 44.64 25.04 -39.86
C MET A 276 43.49 25.74 -39.15
N GLY A 277 42.69 26.48 -39.93
CA GLY A 277 41.42 26.99 -39.48
C GLY A 277 40.39 26.39 -40.41
N GLN A 278 39.21 26.08 -39.89
CA GLN A 278 38.17 25.48 -40.70
C GLN A 278 36.78 25.72 -40.16
N ASN A 279 35.87 26.06 -41.07
CA ASN A 279 34.45 26.16 -40.75
C ASN A 279 33.70 25.00 -41.38
N LYS A 280 32.66 24.53 -40.69
CA LYS A 280 31.91 23.36 -41.16
C LYS A 280 30.41 23.58 -41.05
N ILE A 281 29.70 23.02 -42.01
CA ILE A 281 28.25 22.91 -41.98
C ILE A 281 27.97 21.46 -42.38
N GLY A 282 26.84 20.89 -41.96
CA GLY A 282 26.53 19.53 -42.34
C GLY A 282 25.12 19.07 -42.04
N LEU A 283 24.60 18.20 -42.91
CA LEU A 283 23.32 17.56 -42.67
C LEU A 283 23.50 16.05 -42.52
N ASN A 284 23.17 15.53 -41.34
CA ASN A 284 23.28 14.09 -41.11
C ASN A 284 21.93 13.39 -41.27
N PHE A 285 21.72 12.79 -42.44
CA PHE A 285 20.58 11.91 -42.64
C PHE A 285 20.96 10.56 -42.05
N SER A 286 20.04 9.93 -41.33
CA SER A 286 20.33 8.66 -40.66
C SER A 286 19.07 7.83 -40.47
N LEU A 287 18.99 6.69 -41.15
CA LEU A 287 17.78 5.89 -41.15
C LEU A 287 18.01 4.41 -40.82
N PRO A 288 17.48 3.97 -39.68
CA PRO A 288 17.38 2.56 -39.28
C PRO A 288 16.60 1.72 -40.30
N LEU A 289 17.18 0.61 -40.75
CA LEU A 289 16.49 -0.32 -41.64
C LEU A 289 16.03 -1.57 -40.88
N TYR A 290 16.99 -2.24 -40.24
CA TYR A 290 16.69 -3.40 -39.41
C TYR A 290 17.69 -3.51 -38.26
N GLN A 291 17.22 -3.20 -37.05
CA GLN A 291 18.09 -3.30 -35.88
C GLN A 291 17.60 -4.36 -34.90
N GLY A 292 17.70 -5.62 -35.32
CA GLY A 292 17.49 -6.75 -34.44
C GLY A 292 16.05 -7.13 -34.11
N GLY A 293 15.10 -6.34 -34.61
CA GLY A 293 13.69 -6.60 -34.34
C GLY A 293 13.20 -5.79 -33.16
N MET A 294 14.07 -4.91 -32.69
CA MET A 294 13.82 -4.08 -31.52
C MET A 294 12.57 -3.21 -31.66
N VAL A 295 12.53 -2.42 -32.74
CA VAL A 295 11.47 -1.43 -32.94
C VAL A 295 10.09 -2.06 -33.02
N ASN A 296 9.98 -3.20 -33.69
CA ASN A 296 8.72 -3.92 -33.75
C ASN A 296 8.31 -4.42 -32.37
N SER A 297 9.29 -4.90 -31.60
CA SER A 297 9.04 -5.39 -30.26
C SER A 297 8.61 -4.26 -29.33
N GLN A 298 9.27 -3.12 -29.43
CA GLN A 298 8.97 -1.96 -28.58
C GLN A 298 7.59 -1.40 -28.85
N VAL A 299 7.08 -1.60 -30.06
CA VAL A 299 5.73 -1.17 -30.41
C VAL A 299 4.70 -2.11 -29.80
N LYS A 300 4.96 -3.41 -29.92
CA LYS A 300 4.11 -4.44 -29.34
C LYS A 300 3.84 -4.21 -27.86
N GLN A 301 4.90 -3.98 -27.09
CA GLN A 301 4.77 -3.75 -25.65
C GLN A 301 4.02 -2.47 -25.37
N ALA A 302 4.36 -1.42 -26.10
CA ALA A 302 3.68 -0.14 -25.99
C ALA A 302 2.18 -0.30 -26.28
N GLN A 303 1.86 -1.31 -27.08
CA GLN A 303 0.48 -1.63 -27.41
C GLN A 303 -0.18 -2.44 -26.30
N TYR A 304 0.54 -3.45 -25.78
CA TYR A 304 0.04 -4.24 -24.66
C TYR A 304 -0.21 -3.34 -23.46
N ASN A 305 0.67 -2.35 -23.28
CA ASN A 305 0.52 -1.36 -22.22
C ASN A 305 -0.71 -0.49 -22.47
N PHE A 306 -0.94 -0.18 -23.74
CA PHE A 306 -2.12 0.58 -24.14
C PHE A 306 -3.38 -0.22 -23.86
N VAL A 307 -3.36 -1.49 -24.23
CA VAL A 307 -4.44 -2.41 -23.91
C VAL A 307 -4.62 -2.49 -22.39
N GLY A 308 -3.50 -2.45 -21.68
CA GLY A 308 -3.51 -2.47 -20.22
C GLY A 308 -4.12 -1.21 -19.63
N ALA A 309 -3.76 -0.05 -20.18
CA ALA A 309 -4.29 1.22 -19.72
C ALA A 309 -5.75 1.36 -20.13
N SER A 310 -6.15 0.64 -21.17
CA SER A 310 -7.54 0.60 -21.58
C SER A 310 -8.37 -0.10 -20.49
N GLU A 311 -7.76 -1.10 -19.86
CA GLU A 311 -8.41 -1.87 -18.80
C GLU A 311 -8.54 -1.08 -17.50
N GLN A 312 -7.48 -0.33 -17.16
CA GLN A 312 -7.48 0.53 -15.98
C GLN A 312 -8.58 1.58 -16.05
N LEU A 313 -9.07 1.84 -17.26
CA LEU A 313 -10.13 2.82 -17.48
C LEU A 313 -11.49 2.24 -17.12
N GLU A 314 -11.83 1.09 -17.69
CA GLU A 314 -13.05 0.38 -17.32
C GLU A 314 -13.09 0.13 -15.83
N SER A 315 -11.92 -0.20 -15.26
CA SER A 315 -11.78 -0.32 -13.82
C SER A 315 -12.17 0.98 -13.11
N ALA A 316 -11.67 2.09 -13.65
CA ALA A 316 -11.93 3.41 -13.09
C ALA A 316 -13.38 3.83 -13.30
N HIS A 317 -14.03 3.26 -14.31
CA HIS A 317 -15.44 3.52 -14.53
C HIS A 317 -16.28 2.75 -13.51
N ARG A 318 -15.98 1.47 -13.35
CA ARG A 318 -16.72 0.60 -12.45
C ARG A 318 -16.68 1.09 -11.01
N SER A 319 -15.58 1.71 -10.64
CA SER A 319 -15.41 2.24 -9.28
C SER A 319 -16.21 3.51 -9.10
N VAL A 320 -16.35 4.27 -10.18
CA VAL A 320 -17.19 5.47 -10.16
C VAL A 320 -18.66 5.07 -10.05
N VAL A 321 -19.05 4.06 -10.81
CA VAL A 321 -20.41 3.53 -10.73
C VAL A 321 -20.71 2.99 -9.34
N GLN A 322 -19.78 2.21 -8.80
CA GLN A 322 -19.95 1.63 -7.46
C GLN A 322 -20.06 2.74 -6.42
N THR A 323 -19.19 3.73 -6.50
CA THR A 323 -19.13 4.78 -5.49
C THR A 323 -20.34 5.71 -5.59
N VAL A 324 -20.66 6.16 -6.80
CA VAL A 324 -21.84 7.02 -7.00
C VAL A 324 -23.11 6.31 -6.53
N ARG A 325 -23.31 5.08 -7.00
CA ARG A 325 -24.50 4.30 -6.66
C ARG A 325 -24.57 3.97 -5.16
N SER A 326 -23.43 3.67 -4.54
CA SER A 326 -23.39 3.32 -3.12
C SER A 326 -23.43 4.54 -2.22
N SER A 327 -23.07 5.69 -2.76
CA SER A 327 -23.18 6.94 -2.02
C SER A 327 -24.65 7.38 -2.01
N PHE A 328 -25.33 7.14 -3.12
CA PHE A 328 -26.77 7.39 -3.24
C PHE A 328 -27.53 6.55 -2.22
N ASN A 329 -27.25 5.25 -2.20
CA ASN A 329 -27.81 4.34 -1.22
C ASN A 329 -27.58 4.81 0.21
N ASN A 330 -26.34 5.22 0.49
CA ASN A 330 -25.92 5.58 1.85
C ASN A 330 -26.57 6.85 2.38
N ILE A 331 -26.75 7.85 1.52
CA ILE A 331 -27.38 9.09 1.96
C ILE A 331 -28.88 8.86 2.15
N ASN A 332 -29.45 7.92 1.41
CA ASN A 332 -30.87 7.60 1.55
C ASN A 332 -31.12 6.79 2.81
N ALA A 333 -30.12 6.03 3.23
CA ALA A 333 -30.20 5.24 4.44
C ALA A 333 -30.01 6.12 5.66
N SER A 334 -29.24 7.20 5.49
CA SER A 334 -29.02 8.16 6.54
C SER A 334 -30.31 8.90 6.90
N ILE A 335 -31.08 9.25 5.88
CA ILE A 335 -32.36 9.94 6.06
C ILE A 335 -33.38 8.98 6.67
N SER A 336 -33.28 7.70 6.31
CA SER A 336 -34.14 6.67 6.88
C SER A 336 -33.76 6.37 8.34
N SER A 337 -32.47 6.51 8.66
CA SER A 337 -31.98 6.23 10.02
C SER A 337 -32.30 7.35 11.00
N ILE A 338 -32.03 8.58 10.59
CA ILE A 338 -32.33 9.77 11.41
C ILE A 338 -33.80 9.76 11.84
N ASN A 339 -34.68 9.43 10.90
CA ASN A 339 -36.10 9.31 11.19
C ASN A 339 -36.42 8.09 12.05
N ALA A 340 -35.52 7.11 12.04
CA ALA A 340 -35.70 5.89 12.83
C ALA A 340 -35.26 6.12 14.27
N TYR A 341 -34.02 6.54 14.45
CA TYR A 341 -33.46 6.75 15.79
C TYR A 341 -34.18 7.87 16.54
N LYS A 342 -34.74 8.82 15.79
CA LYS A 342 -35.58 9.84 16.39
C LYS A 342 -36.73 9.18 17.14
N GLN A 343 -37.55 8.48 16.37
CA GLN A 343 -38.65 7.68 16.90
C GLN A 343 -38.18 6.81 18.05
N ALA A 344 -37.05 6.13 17.85
CA ALA A 344 -36.49 5.22 18.84
C ALA A 344 -36.26 5.93 20.18
N VAL A 345 -35.58 7.07 20.14
CA VAL A 345 -35.30 7.86 21.34
C VAL A 345 -36.58 8.14 22.12
N VAL A 346 -37.63 8.52 21.41
CA VAL A 346 -38.92 8.84 22.03
C VAL A 346 -39.49 7.65 22.83
N SER A 347 -39.58 6.49 22.19
CA SER A 347 -40.11 5.30 22.83
C SER A 347 -39.14 4.72 23.86
N ALA A 348 -37.85 4.93 23.63
CA ALA A 348 -36.84 4.55 24.62
C ALA A 348 -37.05 5.36 25.89
N GLN A 349 -37.42 6.63 25.71
CA GLN A 349 -37.65 7.53 26.84
C GLN A 349 -38.97 7.19 27.55
N SER A 350 -40.00 6.90 26.78
CA SER A 350 -41.31 6.59 27.33
C SER A 350 -41.33 5.20 27.96
N SER A 351 -40.48 4.30 27.46
CA SER A 351 -40.33 2.98 28.04
C SER A 351 -39.54 3.05 29.35
N LEU A 352 -38.58 3.97 29.40
CA LEU A 352 -37.84 4.21 30.63
C LEU A 352 -38.75 4.77 31.72
N ASP A 353 -39.53 5.79 31.35
CA ASP A 353 -40.52 6.37 32.25
C ASP A 353 -41.49 5.29 32.74
N ALA A 354 -41.76 4.31 31.89
CA ALA A 354 -42.64 3.20 32.23
C ALA A 354 -41.96 2.23 33.20
N MET A 355 -40.69 1.94 32.94
CA MET A 355 -39.92 1.07 33.80
C MET A 355 -39.84 1.60 35.23
N GLU A 356 -39.67 2.91 35.36
CA GLU A 356 -39.54 3.55 36.66
C GLU A 356 -40.87 3.51 37.44
N ALA A 357 -41.96 3.83 36.77
CA ALA A 357 -43.29 3.72 37.37
C ALA A 357 -43.67 2.26 37.54
N GLY A 358 -42.97 1.39 36.82
CA GLY A 358 -43.15 -0.04 36.95
C GLY A 358 -42.35 -0.61 38.11
N TYR A 359 -41.11 -0.16 38.23
CA TYR A 359 -40.23 -0.55 39.33
C TYR A 359 -40.82 -0.17 40.69
N SER A 360 -41.63 0.88 40.70
CA SER A 360 -42.14 1.43 41.95
C SER A 360 -43.44 0.79 42.43
N VAL A 361 -43.94 -0.22 41.71
CA VAL A 361 -45.12 -0.97 42.17
C VAL A 361 -44.92 -2.49 42.05
N GLY A 362 -43.75 -2.91 41.61
CA GLY A 362 -43.40 -4.33 41.63
C GLY A 362 -43.26 -5.03 40.29
N THR A 363 -43.87 -4.48 39.25
CA THR A 363 -43.89 -5.13 37.94
C THR A 363 -42.51 -5.19 37.29
N ARG A 364 -41.62 -4.31 37.71
CA ARG A 364 -40.25 -4.29 37.22
C ARG A 364 -39.28 -4.12 38.40
N THR A 365 -37.98 -4.11 38.10
CA THR A 365 -36.96 -3.94 39.14
C THR A 365 -35.93 -2.88 38.77
N ILE A 366 -34.89 -2.77 39.60
CA ILE A 366 -33.83 -1.79 39.40
C ILE A 366 -33.04 -2.12 38.15
N VAL A 367 -32.91 -3.42 37.84
CA VAL A 367 -32.17 -3.87 36.66
C VAL A 367 -32.88 -3.42 35.40
N ASP A 368 -34.21 -3.51 35.40
CA ASP A 368 -35.01 -3.03 34.27
C ASP A 368 -34.86 -1.53 34.08
N VAL A 369 -35.01 -0.79 35.16
CA VAL A 369 -34.89 0.67 35.14
C VAL A 369 -33.52 1.10 34.62
N LEU A 370 -32.48 0.41 35.09
CA LEU A 370 -31.13 0.68 34.60
C LEU A 370 -30.99 0.27 33.14
N ASP A 371 -31.50 -0.91 32.80
CA ASP A 371 -31.46 -1.39 31.42
C ASP A 371 -32.24 -0.48 30.50
N ALA A 372 -33.22 0.23 31.06
CA ALA A 372 -34.02 1.17 30.29
C ALA A 372 -33.23 2.45 30.03
N THR A 373 -32.39 2.83 30.99
CA THR A 373 -31.53 4.00 30.84
C THR A 373 -30.51 3.77 29.72
N THR A 374 -29.90 2.58 29.72
CA THR A 374 -28.86 2.23 28.76
C THR A 374 -29.35 2.27 27.31
N THR A 375 -30.55 1.74 27.06
CA THR A 375 -31.13 1.78 25.72
C THR A 375 -31.54 3.20 25.34
N LEU A 376 -31.93 3.99 26.33
CA LEU A 376 -32.32 5.37 26.07
C LEU A 376 -31.15 6.18 25.51
N TYR A 377 -30.03 6.15 26.22
CA TYR A 377 -28.87 6.94 25.83
C TYR A 377 -28.08 6.31 24.69
N ASP A 378 -28.45 5.08 24.33
CA ASP A 378 -27.88 4.44 23.14
C ASP A 378 -28.63 4.91 21.90
N ALA A 379 -29.95 5.04 22.02
CA ALA A 379 -30.74 5.62 20.96
C ALA A 379 -30.30 7.06 20.72
N LYS A 380 -30.21 7.81 21.82
CA LYS A 380 -29.72 9.19 21.80
C LYS A 380 -28.36 9.30 21.13
N GLN A 381 -27.44 8.40 21.50
CA GLN A 381 -26.13 8.36 20.87
C GLN A 381 -26.23 8.12 19.36
N GLN A 382 -26.98 7.09 18.99
CA GLN A 382 -27.08 6.65 17.60
C GLN A 382 -27.72 7.71 16.70
N LEU A 383 -28.66 8.46 17.25
CA LEU A 383 -29.31 9.55 16.52
C LEU A 383 -28.31 10.62 16.14
N ALA A 384 -27.70 11.22 17.16
CA ALA A 384 -26.70 12.27 16.97
C ALA A 384 -25.64 11.87 15.94
N ASN A 385 -25.15 10.64 16.04
CA ASN A 385 -24.15 10.12 15.12
C ASN A 385 -24.67 10.02 13.68
N ALA A 386 -25.95 9.69 13.52
CA ALA A 386 -26.54 9.55 12.21
C ALA A 386 -26.51 10.87 11.44
N ARG A 387 -26.72 11.96 12.16
CA ARG A 387 -26.67 13.30 11.57
C ARG A 387 -25.29 13.61 11.00
N TYR A 388 -24.25 13.18 11.71
CA TYR A 388 -22.89 13.39 11.24
C TYR A 388 -22.59 12.54 10.01
N THR A 389 -23.10 11.31 10.02
CA THR A 389 -22.97 10.39 8.88
C THR A 389 -23.65 10.98 7.64
N TYR A 390 -24.85 11.53 7.83
CA TYR A 390 -25.62 12.12 6.75
C TYR A 390 -24.90 13.28 6.07
N LEU A 391 -24.28 14.14 6.88
CA LEU A 391 -23.53 15.27 6.35
C LEU A 391 -22.35 14.80 5.52
N ILE A 392 -21.56 13.88 6.10
CA ILE A 392 -20.43 13.29 5.41
C ILE A 392 -20.86 12.61 4.11
N ASN A 393 -22.03 12.00 4.12
CA ASN A 393 -22.56 11.34 2.92
C ASN A 393 -22.97 12.33 1.83
N GLN A 394 -23.43 13.52 2.22
CA GLN A 394 -23.66 14.60 1.27
C GLN A 394 -22.36 14.93 0.55
N LEU A 395 -21.27 14.93 1.32
CA LEU A 395 -19.96 15.29 0.81
C LEU A 395 -19.34 14.19 -0.05
N ASN A 396 -19.58 12.93 0.30
CA ASN A 396 -19.02 11.81 -0.47
C ASN A 396 -19.63 11.73 -1.87
N ILE A 397 -20.90 12.09 -1.98
CA ILE A 397 -21.56 12.19 -3.29
C ILE A 397 -20.86 13.25 -4.14
N LYS A 398 -20.69 14.42 -3.56
CA LYS A 398 -19.96 15.52 -4.18
C LYS A 398 -18.57 15.08 -4.61
N TYR A 399 -17.94 14.25 -3.79
CA TYR A 399 -16.60 13.75 -4.10
C TYR A 399 -16.61 12.81 -5.30
N ALA A 400 -17.57 11.89 -5.30
CA ALA A 400 -17.73 10.95 -6.40
C ALA A 400 -18.02 11.66 -7.71
N LEU A 401 -18.70 12.81 -7.61
CA LEU A 401 -19.05 13.60 -8.78
C LEU A 401 -17.85 14.40 -9.26
N GLY A 402 -16.83 14.50 -8.41
CA GLY A 402 -15.64 15.26 -8.73
C GLY A 402 -15.88 16.75 -8.72
N THR A 403 -16.88 17.19 -7.95
CA THR A 403 -17.24 18.60 -7.88
C THR A 403 -17.24 19.16 -6.46
N LEU A 404 -16.50 18.51 -5.56
CA LEU A 404 -16.42 18.96 -4.17
C LEU A 404 -15.52 20.18 -4.08
N ASN A 405 -15.92 21.16 -3.26
CA ASN A 405 -15.18 22.41 -3.17
C ASN A 405 -15.53 23.31 -1.98
N GLU A 406 -14.89 24.48 -1.95
CA GLU A 406 -15.06 25.49 -0.91
C GLU A 406 -16.50 25.80 -0.57
N GLN A 407 -17.35 25.83 -1.59
CA GLN A 407 -18.74 26.25 -1.42
C GLN A 407 -19.57 25.20 -0.68
N ASP A 408 -19.17 23.94 -0.79
CA ASP A 408 -19.89 22.86 -0.11
C ASP A 408 -19.62 22.86 1.39
N LEU A 409 -18.47 23.39 1.78
CA LEU A 409 -18.16 23.61 3.19
C LEU A 409 -18.84 24.89 3.66
N LEU A 410 -18.74 25.92 2.82
CA LEU A 410 -19.39 27.20 3.05
C LEU A 410 -20.89 27.01 3.28
N ALA A 411 -21.48 26.15 2.46
CA ALA A 411 -22.90 25.81 2.58
C ALA A 411 -23.22 25.14 3.91
N LEU A 412 -22.25 24.40 4.44
CA LEU A 412 -22.44 23.63 5.66
C LEU A 412 -22.49 24.48 6.93
N ASN A 413 -22.35 25.79 6.78
CA ASN A 413 -22.40 26.68 7.94
C ASN A 413 -23.82 26.95 8.38
N SER A 414 -24.77 26.67 7.48
CA SER A 414 -26.19 26.82 7.80
C SER A 414 -26.60 25.93 8.96
N THR A 415 -25.97 24.76 9.06
CA THR A 415 -26.35 23.77 10.07
C THR A 415 -25.45 23.74 11.30
N LEU A 416 -24.33 24.47 11.25
CA LEU A 416 -23.46 24.60 12.43
C LEU A 416 -23.97 25.74 13.31
N GLY A 417 -23.39 25.87 14.51
CA GLY A 417 -23.84 26.90 15.44
C GLY A 417 -22.91 27.20 16.61
N LYS A 418 -23.49 27.18 17.81
CA LYS A 418 -22.79 27.54 19.05
C LYS A 418 -21.48 26.79 19.26
N PRO A 419 -20.46 27.47 19.79
CA PRO A 419 -19.18 26.81 20.08
C PRO A 419 -19.22 25.78 21.22
N ILE A 420 -18.56 24.64 21.02
CA ILE A 420 -18.41 23.58 22.03
C ILE A 420 -16.94 23.30 22.32
N PRO A 421 -16.55 23.17 23.60
CA PRO A 421 -15.17 22.90 24.02
C PRO A 421 -15.02 21.38 24.07
N THR A 422 -13.89 20.91 24.58
CA THR A 422 -13.38 19.55 24.45
C THR A 422 -13.37 19.38 25.96
N SER A 423 -13.44 18.13 26.41
CA SER A 423 -13.19 17.63 27.78
C SER A 423 -12.11 18.27 28.64
N PRO A 424 -12.49 18.76 29.84
CA PRO A 424 -13.76 18.74 30.56
C PRO A 424 -15.05 19.25 29.90
N GLU A 425 -16.00 18.34 29.72
CA GLU A 425 -17.40 18.62 29.95
C GLU A 425 -17.66 17.88 31.25
N SER A 426 -16.85 18.23 32.25
CA SER A 426 -16.56 17.45 33.45
C SER A 426 -17.75 17.21 34.39
N VAL A 427 -17.65 16.22 35.29
CA VAL A 427 -16.54 15.28 35.40
C VAL A 427 -17.03 13.86 35.68
N GLU B 1 -26.48 -16.98 -12.82
CA GLU B 1 -27.39 -16.94 -11.69
C GLU B 1 -26.75 -17.54 -10.45
N ASN B 2 -26.00 -18.63 -10.65
CA ASN B 2 -25.28 -19.26 -9.55
C ASN B 2 -23.80 -18.94 -9.63
N LEU B 3 -23.02 -19.41 -8.66
CA LEU B 3 -21.65 -18.96 -8.49
C LEU B 3 -20.73 -19.33 -9.65
N MET B 4 -20.90 -20.53 -10.21
CA MET B 4 -20.15 -20.91 -11.41
C MET B 4 -20.45 -19.92 -12.54
N GLN B 5 -21.73 -19.78 -12.87
CA GLN B 5 -22.18 -18.88 -13.92
C GLN B 5 -21.74 -17.42 -13.73
N VAL B 6 -21.87 -16.92 -12.51
CA VAL B 6 -21.49 -15.54 -12.23
C VAL B 6 -19.99 -15.34 -12.45
N TYR B 7 -19.19 -16.27 -11.94
CA TYR B 7 -17.74 -16.19 -12.12
C TYR B 7 -17.33 -16.26 -13.59
N GLN B 8 -18.10 -16.98 -14.39
CA GLN B 8 -17.85 -17.07 -15.82
C GLN B 8 -18.03 -15.71 -16.47
N GLN B 9 -19.08 -14.99 -16.05
CA GLN B 9 -19.34 -13.64 -16.55
C GLN B 9 -18.33 -12.63 -16.02
N ALA B 10 -17.66 -12.98 -14.93
CA ALA B 10 -16.68 -12.11 -14.30
C ALA B 10 -15.28 -12.34 -14.85
N ARG B 11 -14.96 -13.58 -15.19
CA ARG B 11 -13.64 -13.92 -15.71
C ARG B 11 -13.40 -13.30 -17.08
N LEU B 12 -14.46 -13.20 -17.87
CA LEU B 12 -14.38 -12.72 -19.24
C LEU B 12 -14.22 -11.20 -19.33
N SER B 13 -14.78 -10.49 -18.36
CA SER B 13 -14.82 -9.03 -18.44
C SER B 13 -13.85 -8.32 -17.49
N ASN B 14 -13.68 -8.87 -16.28
CA ASN B 14 -12.98 -8.18 -15.20
C ASN B 14 -11.63 -7.62 -15.61
N PRO B 15 -11.48 -6.29 -15.51
CA PRO B 15 -10.37 -5.47 -15.99
C PRO B 15 -9.06 -5.67 -15.25
N GLU B 16 -9.12 -5.85 -13.92
CA GLU B 16 -7.91 -6.07 -13.13
C GLU B 16 -7.16 -7.29 -13.64
N LEU B 17 -7.89 -8.36 -13.89
CA LEU B 17 -7.31 -9.57 -14.47
C LEU B 17 -6.80 -9.30 -15.87
N ARG B 18 -7.68 -8.74 -16.71
CA ARG B 18 -7.36 -8.52 -18.12
C ARG B 18 -6.18 -7.59 -18.33
N LYS B 19 -5.92 -6.68 -17.39
CA LYS B 19 -4.72 -5.85 -17.50
C LYS B 19 -3.50 -6.70 -17.20
N SER B 20 -3.59 -7.48 -16.12
CA SER B 20 -2.50 -8.35 -15.69
C SER B 20 -2.17 -9.37 -16.78
N ALA B 21 -3.17 -9.69 -17.60
CA ALA B 21 -2.94 -10.55 -18.74
C ALA B 21 -2.13 -9.82 -19.80
N ALA B 22 -2.26 -8.51 -19.83
CA ALA B 22 -1.54 -7.68 -20.80
C ALA B 22 -0.20 -7.24 -20.22
N ASP B 23 0.08 -7.65 -18.99
CA ASP B 23 1.39 -7.41 -18.39
C ASP B 23 2.24 -8.67 -18.51
N ARG B 24 1.60 -9.83 -18.45
CA ARG B 24 2.27 -11.08 -18.76
C ARG B 24 2.68 -11.07 -20.22
N ASP B 25 1.71 -10.76 -21.09
CA ASP B 25 1.92 -10.71 -22.53
C ASP B 25 3.06 -9.77 -22.93
N ALA B 26 3.33 -8.77 -22.10
CA ALA B 26 4.28 -7.72 -22.45
C ALA B 26 5.60 -7.81 -21.67
N ALA B 27 5.83 -8.95 -21.02
CA ALA B 27 7.13 -9.26 -20.45
C ALA B 27 7.72 -10.42 -21.23
N PHE B 28 6.83 -11.20 -21.84
CA PHE B 28 7.22 -12.26 -22.76
C PHE B 28 7.55 -11.67 -24.13
N GLU B 29 6.83 -10.61 -24.49
CA GLU B 29 7.11 -9.88 -25.72
C GLU B 29 8.49 -9.24 -25.65
N LYS B 30 8.81 -8.69 -24.48
CA LYS B 30 10.08 -7.97 -24.28
C LYS B 30 11.28 -8.91 -24.33
N ILE B 31 11.02 -10.21 -24.38
CA ILE B 31 12.08 -11.17 -24.67
C ILE B 31 12.71 -10.83 -26.01
N ASN B 32 11.86 -10.49 -26.98
CA ASN B 32 12.31 -10.10 -28.31
C ASN B 32 13.23 -8.88 -28.29
N GLU B 33 13.01 -7.98 -27.33
CA GLU B 33 13.78 -6.75 -27.23
C GLU B 33 15.05 -6.97 -26.40
N ALA B 34 15.13 -8.13 -25.74
CA ALA B 34 16.33 -8.53 -25.04
C ALA B 34 17.28 -9.23 -26.02
N ARG B 35 16.71 -9.87 -27.03
CA ARG B 35 17.46 -10.68 -27.99
C ARG B 35 18.08 -9.85 -29.11
N SER B 36 17.44 -8.73 -29.45
CA SER B 36 17.82 -7.93 -30.61
C SER B 36 19.29 -7.48 -30.72
N PRO B 37 20.01 -7.30 -29.59
CA PRO B 37 21.41 -6.95 -29.80
C PRO B 37 22.32 -8.11 -30.24
N LEU B 38 21.83 -9.35 -30.19
CA LEU B 38 22.61 -10.48 -30.71
C LEU B 38 22.38 -10.64 -32.20
N LEU B 39 21.52 -9.80 -32.75
CA LEU B 39 21.09 -9.93 -34.14
C LEU B 39 21.56 -8.76 -35.00
N PRO B 40 21.77 -9.00 -36.31
CA PRO B 40 22.36 -8.02 -37.24
C PRO B 40 21.72 -6.64 -37.22
N GLN B 41 22.53 -5.64 -36.86
CA GLN B 41 22.10 -4.24 -36.89
C GLN B 41 22.43 -3.64 -38.26
N LEU B 42 21.44 -3.02 -38.89
CA LEU B 42 21.66 -2.43 -40.20
C LEU B 42 21.10 -1.01 -40.27
N GLY B 43 21.93 -0.09 -40.74
CA GLY B 43 21.53 1.30 -40.86
C GLY B 43 21.83 1.88 -42.22
N LEU B 44 21.60 3.18 -42.35
CA LEU B 44 21.83 3.90 -43.60
C LEU B 44 21.92 5.40 -43.31
N GLY B 45 23.00 6.03 -43.77
CA GLY B 45 23.22 7.44 -43.50
C GLY B 45 23.66 8.23 -44.72
N ALA B 46 23.24 9.49 -44.80
CA ALA B 46 23.56 10.32 -45.95
C ALA B 46 24.22 11.65 -45.58
N ASP B 47 25.48 11.58 -45.18
CA ASP B 47 26.28 12.76 -44.83
C ASP B 47 26.32 13.81 -45.94
N TYR B 48 26.40 15.07 -45.54
CA TYR B 48 26.69 16.17 -46.46
C TYR B 48 27.30 17.34 -45.71
N THR B 49 28.62 17.36 -45.62
CA THR B 49 29.32 18.40 -44.88
C THR B 49 30.13 19.35 -45.77
N TYR B 50 29.56 20.51 -46.06
CA TYR B 50 30.29 21.56 -46.75
C TYR B 50 31.31 22.19 -45.79
N SER B 51 32.55 22.31 -46.24
CA SER B 51 33.60 22.81 -45.37
C SER B 51 34.37 23.99 -45.95
N ASN B 52 34.33 25.10 -45.22
CA ASN B 52 35.01 26.33 -45.60
C ASN B 52 36.41 26.39 -44.97
N GLY B 53 37.22 27.39 -45.30
CA GLY B 53 38.56 27.50 -44.72
C GLY B 53 39.03 28.90 -44.38
N TYR B 54 39.93 29.00 -43.41
CA TYR B 54 40.56 30.29 -43.05
C TYR B 54 41.88 30.10 -42.27
N ARG B 55 42.54 31.22 -41.98
CA ARG B 55 43.91 31.26 -41.43
C ARG B 55 44.86 30.47 -42.33
N ASP B 56 45.80 29.74 -41.73
CA ASP B 56 46.84 29.06 -42.51
C ASP B 56 46.29 28.22 -43.65
N ALA B 57 45.13 27.62 -43.41
CA ALA B 57 44.46 26.79 -44.43
C ALA B 57 43.36 27.55 -45.14
N ASN B 58 43.61 28.82 -45.46
CA ASN B 58 42.58 29.66 -46.08
C ASN B 58 42.44 29.43 -47.58
N GLY B 59 41.20 29.52 -48.06
CA GLY B 59 40.91 29.43 -49.47
C GLY B 59 40.51 28.02 -49.91
N ILE B 60 40.71 27.07 -49.00
CA ILE B 60 40.46 25.67 -49.29
C ILE B 60 39.04 25.29 -48.85
N ASN B 61 38.10 25.35 -49.79
CA ASN B 61 36.70 25.07 -49.51
C ASN B 61 36.19 23.79 -50.18
N SER B 62 36.05 22.73 -49.40
CA SER B 62 35.50 21.47 -49.89
C SER B 62 33.99 21.44 -49.72
N ASN B 63 33.39 20.31 -50.07
CA ASN B 63 32.04 19.94 -49.63
C ASN B 63 31.75 18.49 -50.02
N GLU B 64 31.47 17.67 -49.00
CA GLU B 64 31.37 16.23 -49.16
C GLU B 64 29.93 15.72 -49.23
N THR B 65 29.72 14.72 -50.09
CA THR B 65 28.48 13.94 -50.07
C THR B 65 28.85 12.54 -49.61
N SER B 66 27.90 11.78 -49.06
CA SER B 66 28.21 10.44 -48.56
C SER B 66 27.00 9.56 -48.33
N ALA B 67 27.21 8.25 -48.50
CA ALA B 67 26.22 7.24 -48.15
C ALA B 67 26.96 5.98 -47.71
N SER B 68 26.37 5.19 -46.81
CA SER B 68 27.03 3.99 -46.32
C SER B 68 26.13 3.06 -45.51
N LEU B 69 25.79 1.91 -46.10
CA LEU B 69 25.12 0.85 -45.35
C LEU B 69 26.04 0.33 -44.25
N GLN B 70 25.74 0.69 -43.01
CA GLN B 70 26.53 0.19 -41.88
C GLN B 70 25.94 -1.14 -41.39
N LEU B 71 26.79 -2.01 -40.87
CA LEU B 71 26.31 -3.27 -40.31
C LEU B 71 27.08 -3.66 -39.06
N THR B 72 26.34 -4.12 -38.06
CA THR B 72 26.92 -4.62 -36.83
C THR B 72 26.43 -6.04 -36.57
N GLN B 73 27.27 -6.83 -35.92
CA GLN B 73 26.90 -8.15 -35.44
C GLN B 73 27.85 -8.52 -34.31
N THR B 74 27.29 -8.70 -33.12
CA THR B 74 28.08 -9.19 -32.00
C THR B 74 28.52 -10.62 -32.29
N LEU B 75 29.80 -10.87 -32.15
CA LEU B 75 30.34 -12.22 -32.27
C LEU B 75 30.43 -12.84 -30.89
N PHE B 76 31.00 -12.08 -29.95
CA PHE B 76 31.07 -12.50 -28.56
C PHE B 76 30.83 -11.32 -27.62
N ASP B 77 29.73 -11.39 -26.89
CA ASP B 77 29.44 -10.48 -25.80
C ASP B 77 28.52 -11.23 -24.84
N MET B 78 29.09 -11.72 -23.75
CA MET B 78 28.38 -12.64 -22.87
C MET B 78 27.23 -11.97 -22.13
N SER B 79 27.41 -10.71 -21.77
CA SER B 79 26.38 -9.99 -21.00
C SER B 79 25.31 -9.41 -21.92
N LYS B 80 25.38 -9.78 -23.20
CA LYS B 80 24.26 -9.59 -24.11
C LYS B 80 23.51 -10.91 -24.22
N TRP B 81 24.25 -12.00 -24.11
CA TRP B 81 23.68 -13.34 -24.02
C TRP B 81 23.06 -13.57 -22.65
N ARG B 82 23.34 -12.64 -21.73
CA ARG B 82 22.95 -12.80 -20.34
C ARG B 82 21.80 -11.86 -19.97
N GLY B 83 21.73 -10.72 -20.67
CA GLY B 83 20.63 -9.80 -20.49
C GLY B 83 19.35 -10.37 -21.08
N LEU B 84 19.51 -11.35 -21.98
CA LEU B 84 18.38 -12.00 -22.62
C LEU B 84 17.66 -12.94 -21.66
N THR B 85 18.39 -13.91 -21.11
CA THR B 85 17.82 -14.86 -20.14
C THR B 85 17.28 -14.13 -18.92
N LEU B 86 17.96 -13.03 -18.57
CA LEU B 86 17.54 -12.15 -17.49
C LEU B 86 16.17 -11.53 -17.78
N GLN B 87 15.80 -11.54 -19.06
CA GLN B 87 14.52 -10.99 -19.47
C GLN B 87 13.53 -12.13 -19.78
N GLU B 88 14.05 -13.35 -19.87
CA GLU B 88 13.18 -14.52 -19.94
C GLU B 88 12.71 -14.91 -18.54
N LYS B 89 13.59 -14.68 -17.57
CA LYS B 89 13.31 -15.00 -16.17
C LYS B 89 12.27 -14.05 -15.59
N ALA B 90 12.44 -12.75 -15.84
CA ALA B 90 11.49 -11.73 -15.40
C ALA B 90 10.14 -11.93 -16.05
N ALA B 91 10.15 -12.49 -17.25
CA ALA B 91 8.92 -12.86 -17.94
C ALA B 91 8.24 -13.98 -17.17
N GLY B 92 9.03 -14.98 -16.78
CA GLY B 92 8.53 -16.11 -16.02
C GLY B 92 8.01 -15.69 -14.67
N ILE B 93 8.57 -14.63 -14.11
CA ILE B 93 8.11 -14.07 -12.84
C ILE B 93 6.77 -13.37 -13.04
N GLN B 94 6.61 -12.73 -14.20
CA GLN B 94 5.33 -12.12 -14.56
C GLN B 94 4.23 -13.16 -14.64
N ASP B 95 4.49 -14.24 -15.37
CA ASP B 95 3.51 -15.30 -15.60
C ASP B 95 2.94 -15.86 -14.29
N VAL B 96 3.80 -15.95 -13.28
CA VAL B 96 3.37 -16.41 -11.96
C VAL B 96 2.51 -15.33 -11.29
N THR B 97 2.94 -14.08 -11.41
CA THR B 97 2.17 -12.96 -10.87
C THR B 97 0.80 -12.91 -11.53
N TYR B 98 0.76 -13.31 -12.80
CA TYR B 98 -0.52 -13.41 -13.51
C TYR B 98 -1.38 -14.54 -12.95
N GLN B 99 -0.76 -15.69 -12.71
CA GLN B 99 -1.47 -16.87 -12.20
C GLN B 99 -2.01 -16.63 -10.79
N THR B 100 -1.38 -15.73 -10.05
CA THR B 100 -1.87 -15.37 -8.72
C THR B 100 -3.12 -14.49 -8.88
N ASP B 101 -3.11 -13.65 -9.90
CA ASP B 101 -4.23 -12.78 -10.20
C ASP B 101 -5.46 -13.58 -10.66
N GLN B 102 -5.20 -14.69 -11.34
CA GLN B 102 -6.28 -15.59 -11.77
C GLN B 102 -7.07 -16.12 -10.58
N GLN B 103 -6.35 -16.48 -9.52
CA GLN B 103 -6.98 -17.08 -8.36
C GLN B 103 -7.65 -16.05 -7.45
N THR B 104 -7.10 -14.84 -7.43
CA THR B 104 -7.68 -13.75 -6.64
C THR B 104 -9.07 -13.40 -7.16
N LEU B 105 -9.23 -13.43 -8.48
CA LEU B 105 -10.52 -13.15 -9.09
C LEU B 105 -11.56 -14.18 -8.67
N ILE B 106 -11.15 -15.45 -8.64
CA ILE B 106 -12.03 -16.52 -8.16
C ILE B 106 -12.45 -16.24 -6.72
N LEU B 107 -11.49 -15.89 -5.87
CA LEU B 107 -11.75 -15.65 -4.46
C LEU B 107 -12.58 -14.38 -4.28
N ASN B 108 -12.30 -13.36 -5.07
CA ASN B 108 -13.08 -12.13 -5.04
C ASN B 108 -14.52 -12.38 -5.45
N THR B 109 -14.71 -13.07 -6.58
CA THR B 109 -16.04 -13.34 -7.11
C THR B 109 -16.86 -14.18 -6.15
N ALA B 110 -16.22 -15.17 -5.55
CA ALA B 110 -16.86 -16.01 -4.55
C ALA B 110 -17.26 -15.24 -3.30
N ASN B 111 -16.30 -14.48 -2.74
CA ASN B 111 -16.53 -13.65 -1.56
C ASN B 111 -17.63 -12.61 -1.77
N ALA B 112 -17.66 -12.04 -2.97
CA ALA B 112 -18.68 -11.06 -3.31
C ALA B 112 -20.05 -11.72 -3.39
N TYR B 113 -20.10 -12.86 -4.07
CA TYR B 113 -21.32 -13.64 -4.22
C TYR B 113 -21.99 -13.92 -2.89
N PHE B 114 -21.22 -14.47 -1.96
CA PHE B 114 -21.76 -14.91 -0.68
C PHE B 114 -22.02 -13.75 0.28
N LYS B 115 -21.40 -12.61 0.02
CA LYS B 115 -21.69 -11.43 0.82
C LYS B 115 -23.11 -10.95 0.52
N VAL B 116 -23.50 -11.01 -0.75
CA VAL B 116 -24.87 -10.68 -1.13
C VAL B 116 -25.84 -11.69 -0.52
N LEU B 117 -25.50 -12.98 -0.66
CA LEU B 117 -26.31 -14.05 -0.09
C LEU B 117 -26.51 -13.88 1.42
N ASN B 118 -25.42 -13.62 2.13
CA ASN B 118 -25.47 -13.45 3.59
C ASN B 118 -26.15 -12.14 3.97
N ALA B 119 -26.02 -11.14 3.11
CA ALA B 119 -26.70 -9.87 3.33
C ALA B 119 -28.20 -10.07 3.23
N ILE B 120 -28.61 -11.00 2.38
CA ILE B 120 -30.03 -11.30 2.20
C ILE B 120 -30.61 -11.94 3.45
N ASP B 121 -29.88 -12.91 4.00
CA ASP B 121 -30.31 -13.61 5.20
C ASP B 121 -30.44 -12.69 6.42
N VAL B 122 -29.42 -11.85 6.63
CA VAL B 122 -29.43 -10.90 7.74
C VAL B 122 -30.65 -9.98 7.67
N LEU B 123 -30.92 -9.47 6.47
CA LEU B 123 -32.11 -8.66 6.23
C LEU B 123 -33.38 -9.48 6.47
N SER B 124 -33.38 -10.73 6.03
CA SER B 124 -34.56 -11.59 6.13
C SER B 124 -34.91 -11.91 7.59
N TYR B 125 -33.92 -12.27 8.39
CA TYR B 125 -34.14 -12.59 9.80
C TYR B 125 -34.55 -11.35 10.59
N THR B 126 -33.91 -10.23 10.27
CA THR B 126 -34.21 -8.94 10.88
C THR B 126 -35.71 -8.65 10.78
N GLN B 127 -36.25 -8.91 9.59
CA GLN B 127 -37.67 -8.71 9.34
C GLN B 127 -38.51 -9.75 10.08
N ALA B 128 -38.02 -10.98 10.14
CA ALA B 128 -38.67 -12.04 10.91
C ALA B 128 -38.76 -11.60 12.37
N GLN B 129 -37.64 -11.12 12.89
CA GLN B 129 -37.56 -10.55 14.23
C GLN B 129 -38.54 -9.39 14.40
N LYS B 130 -38.68 -8.57 13.36
CA LYS B 130 -39.55 -7.39 13.42
C LYS B 130 -41.01 -7.78 13.51
N GLU B 131 -41.45 -8.67 12.63
CA GLU B 131 -42.83 -9.15 12.63
C GLU B 131 -43.10 -9.93 13.91
N ALA B 132 -42.10 -10.68 14.36
CA ALA B 132 -42.20 -11.42 15.61
C ALA B 132 -42.50 -10.47 16.76
N ILE B 133 -41.68 -9.42 16.89
CA ILE B 133 -41.87 -8.42 17.93
C ILE B 133 -43.17 -7.65 17.74
N TYR B 134 -43.55 -7.43 16.48
CA TYR B 134 -44.77 -6.67 16.20
C TYR B 134 -46.01 -7.36 16.74
N ARG B 135 -46.08 -8.68 16.56
CA ARG B 135 -47.20 -9.44 17.10
C ARG B 135 -47.30 -9.22 18.60
N GLN B 136 -46.18 -9.31 19.30
CA GLN B 136 -46.16 -9.12 20.75
C GLN B 136 -46.58 -7.70 21.13
N LEU B 137 -46.11 -6.72 20.36
CA LEU B 137 -46.56 -5.35 20.55
C LEU B 137 -48.05 -5.25 20.22
N ASP B 138 -48.49 -6.00 19.22
CA ASP B 138 -49.88 -5.91 18.76
C ASP B 138 -50.88 -6.54 19.74
N GLN B 139 -50.69 -7.81 20.13
CA GLN B 139 -51.71 -8.45 20.94
C GLN B 139 -51.81 -7.87 22.34
N THR B 140 -50.71 -7.33 22.87
CA THR B 140 -50.75 -6.69 24.18
C THR B 140 -51.08 -5.20 24.10
N THR B 141 -51.21 -4.68 22.87
CA THR B 141 -51.81 -3.36 22.69
C THR B 141 -53.30 -3.53 22.86
N GLN B 142 -53.81 -4.65 22.35
CA GLN B 142 -55.21 -5.01 22.48
C GLN B 142 -55.56 -5.31 23.93
N ARG B 143 -54.75 -6.13 24.58
CA ARG B 143 -55.02 -6.54 25.95
C ARG B 143 -54.94 -5.34 26.89
N PHE B 144 -54.22 -4.31 26.48
CA PHE B 144 -54.24 -3.07 27.27
C PHE B 144 -55.56 -2.34 27.12
N ASN B 145 -56.01 -2.17 25.88
CA ASN B 145 -57.21 -1.40 25.61
C ASN B 145 -58.50 -2.05 26.12
N VAL B 146 -58.35 -3.13 26.89
CA VAL B 146 -59.47 -3.79 27.55
C VAL B 146 -59.13 -4.21 28.98
N GLY B 147 -58.03 -3.66 29.50
CA GLY B 147 -57.67 -3.86 30.90
C GLY B 147 -57.00 -5.17 31.25
N LEU B 148 -56.49 -5.89 30.24
CA LEU B 148 -55.86 -7.17 30.49
C LEU B 148 -54.36 -7.02 30.78
N VAL B 149 -53.76 -5.90 30.35
CA VAL B 149 -52.39 -5.57 30.77
C VAL B 149 -52.26 -4.09 31.13
N ALA B 150 -51.12 -3.76 31.75
CA ALA B 150 -50.77 -2.38 32.04
C ALA B 150 -50.07 -1.76 30.84
N ILE B 151 -50.07 -0.43 30.77
CA ILE B 151 -49.44 0.30 29.67
C ILE B 151 -47.94 0.03 29.58
N THR B 152 -47.37 -0.41 30.69
CA THR B 152 -45.93 -0.67 30.80
C THR B 152 -45.51 -1.77 29.82
N ASP B 153 -46.35 -2.78 29.65
CA ASP B 153 -46.10 -3.85 28.70
C ASP B 153 -46.10 -3.37 27.26
N VAL B 154 -47.05 -2.50 26.93
CA VAL B 154 -47.16 -1.94 25.58
C VAL B 154 -45.93 -1.13 25.22
N GLN B 155 -45.54 -0.24 26.14
CA GLN B 155 -44.45 0.71 25.90
C GLN B 155 -43.08 0.04 25.91
N ASN B 156 -42.96 -1.10 26.56
CA ASN B 156 -41.72 -1.88 26.51
C ASN B 156 -41.54 -2.51 25.13
N ALA B 157 -42.59 -3.15 24.64
CA ALA B 157 -42.58 -3.75 23.32
C ALA B 157 -42.44 -2.69 22.24
N ARG B 158 -43.10 -1.56 22.44
CA ARG B 158 -43.10 -0.47 21.48
C ARG B 158 -41.70 0.13 21.26
N ALA B 159 -40.84 -0.01 22.27
CA ALA B 159 -39.48 0.50 22.19
C ALA B 159 -38.53 -0.50 21.55
N GLN B 160 -38.64 -1.76 21.95
CA GLN B 160 -37.79 -2.82 21.41
C GLN B 160 -38.11 -3.06 19.94
N TYR B 161 -39.35 -2.77 19.57
CA TYR B 161 -39.77 -2.79 18.18
C TYR B 161 -38.94 -1.80 17.36
N ASP B 162 -38.90 -0.56 17.84
CA ASP B 162 -38.20 0.52 17.16
C ASP B 162 -36.70 0.25 16.96
N THR B 163 -36.11 -0.47 17.91
CA THR B 163 -34.71 -0.87 17.77
C THR B 163 -34.53 -1.69 16.50
N VAL B 164 -35.45 -2.61 16.27
CA VAL B 164 -35.40 -3.47 15.11
C VAL B 164 -35.66 -2.71 13.81
N LEU B 165 -36.57 -1.74 13.86
CA LEU B 165 -36.85 -0.89 12.70
C LEU B 165 -35.59 -0.21 12.22
N ALA B 166 -34.89 0.43 13.16
CA ALA B 166 -33.59 1.03 12.89
C ALA B 166 -32.67 0.00 12.25
N ASN B 167 -32.54 -1.14 12.91
CA ASN B 167 -31.72 -2.24 12.41
C ASN B 167 -32.09 -2.66 10.99
N GLU B 168 -33.38 -2.67 10.70
CA GLU B 168 -33.85 -3.09 9.38
C GLU B 168 -33.35 -2.14 8.27
N VAL B 169 -33.27 -0.87 8.60
CA VAL B 169 -32.76 0.14 7.68
C VAL B 169 -31.32 -0.18 7.28
N THR B 170 -30.48 -0.47 8.27
CA THR B 170 -29.08 -0.81 8.01
C THR B 170 -28.98 -2.10 7.21
N ALA B 171 -29.71 -3.13 7.65
CA ALA B 171 -29.70 -4.43 6.99
C ALA B 171 -30.10 -4.34 5.52
N ARG B 172 -31.09 -3.51 5.23
CA ARG B 172 -31.55 -3.31 3.86
C ARG B 172 -30.50 -2.58 3.04
N ASN B 173 -29.90 -1.54 3.63
CA ASN B 173 -28.87 -0.77 2.95
C ASN B 173 -27.64 -1.61 2.62
N ASN B 174 -27.21 -2.42 3.60
CA ASN B 174 -26.08 -3.31 3.43
C ASN B 174 -26.24 -4.23 2.23
N LEU B 175 -27.46 -4.72 2.04
CA LEU B 175 -27.77 -5.59 0.90
C LEU B 175 -27.68 -4.81 -0.42
N ASP B 176 -28.16 -3.58 -0.42
CA ASP B 176 -28.06 -2.72 -1.60
C ASP B 176 -26.61 -2.47 -1.98
N ASN B 177 -25.81 -2.10 -0.98
CA ASN B 177 -24.39 -1.87 -1.21
C ASN B 177 -23.66 -3.15 -1.61
N ALA B 178 -24.01 -4.27 -0.97
CA ALA B 178 -23.37 -5.55 -1.24
C ALA B 178 -23.59 -6.00 -2.69
N VAL B 179 -24.76 -5.69 -3.24
CA VAL B 179 -25.07 -6.01 -4.63
C VAL B 179 -24.24 -5.16 -5.58
N GLU B 180 -24.10 -3.88 -5.25
CA GLU B 180 -23.29 -2.96 -6.06
C GLU B 180 -21.84 -3.39 -6.09
N GLU B 181 -21.36 -3.95 -4.98
CA GLU B 181 -19.99 -4.41 -4.90
C GLU B 181 -19.82 -5.68 -5.73
N LEU B 182 -20.91 -6.40 -5.95
CA LEU B 182 -20.88 -7.54 -6.87
C LEU B 182 -20.91 -7.03 -8.30
N ARG B 183 -21.58 -5.90 -8.52
CA ARG B 183 -21.66 -5.31 -9.86
C ARG B 183 -20.28 -4.84 -10.33
N GLN B 184 -19.42 -4.45 -9.39
CA GLN B 184 -18.06 -4.03 -9.73
C GLN B 184 -17.26 -5.23 -10.25
N VAL B 185 -16.99 -6.16 -9.34
CA VAL B 185 -16.31 -7.42 -9.64
C VAL B 185 -16.81 -8.09 -10.91
N THR B 186 -18.12 -8.05 -11.13
CA THR B 186 -18.73 -8.78 -12.22
C THR B 186 -19.00 -7.93 -13.46
N GLY B 187 -19.46 -6.70 -13.25
CA GLY B 187 -19.89 -5.87 -14.36
C GLY B 187 -21.36 -6.07 -14.62
N ASN B 188 -22.04 -6.70 -13.67
CA ASN B 188 -23.45 -7.04 -13.83
C ASN B 188 -24.27 -6.80 -12.57
N TYR B 189 -25.51 -6.38 -12.76
CA TYR B 189 -26.48 -6.34 -11.69
C TYR B 189 -27.26 -7.65 -11.69
N TYR B 190 -27.31 -8.32 -10.54
CA TYR B 190 -28.03 -9.58 -10.45
C TYR B 190 -29.28 -9.45 -9.61
N PRO B 191 -30.45 -9.56 -10.27
CA PRO B 191 -31.75 -9.55 -9.60
C PRO B 191 -31.90 -10.73 -8.63
N GLU B 192 -31.54 -11.94 -9.04
CA GLU B 192 -31.54 -13.07 -8.12
C GLU B 192 -30.42 -14.07 -8.36
N LEU B 193 -29.97 -14.68 -7.28
CA LEU B 193 -28.87 -15.65 -7.30
C LEU B 193 -29.31 -16.99 -6.71
N ALA B 194 -28.53 -18.03 -6.95
CA ALA B 194 -28.81 -19.34 -6.38
C ALA B 194 -28.48 -19.34 -4.88
N SER B 195 -29.50 -19.43 -4.04
CA SER B 195 -29.31 -19.42 -2.60
C SER B 195 -28.67 -20.70 -2.09
N LEU B 196 -28.01 -20.62 -0.92
CA LEU B 196 -27.43 -21.79 -0.30
C LEU B 196 -28.54 -22.77 0.12
N ASN B 197 -28.33 -24.04 -0.20
CA ASN B 197 -29.26 -25.11 0.16
C ASN B 197 -28.88 -25.66 1.54
N VAL B 198 -29.61 -25.23 2.57
CA VAL B 198 -29.23 -25.51 3.95
C VAL B 198 -29.71 -26.86 4.48
N GLU B 199 -30.77 -27.40 3.88
CA GLU B 199 -31.16 -28.77 4.19
C GLU B 199 -30.06 -29.70 3.71
N HIS B 200 -29.56 -29.41 2.52
CA HIS B 200 -28.54 -30.22 1.86
C HIS B 200 -27.13 -29.87 2.32
N PHE B 201 -27.01 -28.84 3.15
CA PHE B 201 -25.69 -28.34 3.54
C PHE B 201 -24.98 -29.27 4.54
N LYS B 202 -23.74 -29.62 4.21
CA LYS B 202 -22.92 -30.47 5.05
C LYS B 202 -21.48 -29.95 5.16
N THR B 203 -20.83 -30.24 6.28
CA THR B 203 -19.46 -29.77 6.53
C THR B 203 -18.44 -30.91 6.65
N ASP B 204 -17.53 -30.98 5.68
CA ASP B 204 -16.49 -31.99 5.68
C ASP B 204 -15.21 -31.48 6.36
N LYS B 205 -14.64 -32.30 7.23
CA LYS B 205 -13.39 -31.96 7.91
C LYS B 205 -12.23 -31.94 6.91
N PRO B 206 -11.30 -30.97 7.07
CA PRO B 206 -10.23 -30.77 6.12
C PRO B 206 -9.17 -31.87 6.17
N LYS B 207 -8.16 -31.78 5.31
CA LYS B 207 -7.02 -32.67 5.39
C LYS B 207 -6.22 -32.34 6.65
N ALA B 208 -5.16 -33.10 6.91
CA ALA B 208 -4.28 -32.80 8.03
C ALA B 208 -3.41 -31.58 7.69
N VAL B 209 -3.16 -30.73 8.68
CA VAL B 209 -2.40 -29.50 8.48
C VAL B 209 -1.02 -29.76 7.85
N ASN B 210 -0.40 -30.87 8.24
CA ASN B 210 0.93 -31.21 7.74
C ASN B 210 0.92 -31.65 6.29
N ALA B 211 -0.21 -32.19 5.84
CA ALA B 211 -0.35 -32.54 4.44
C ALA B 211 -0.56 -31.29 3.61
N LEU B 212 -1.29 -30.33 4.16
CA LEU B 212 -1.54 -29.06 3.48
C LEU B 212 -0.25 -28.25 3.34
N LEU B 213 0.57 -28.27 4.38
CA LEU B 213 1.85 -27.55 4.38
C LEU B 213 2.81 -28.14 3.37
N LYS B 214 2.90 -29.46 3.34
CA LYS B 214 3.69 -30.14 2.33
C LYS B 214 3.15 -29.85 0.93
N GLU B 215 1.82 -29.74 0.82
CA GLU B 215 1.18 -29.44 -0.46
C GLU B 215 1.43 -28.00 -0.90
N ALA B 216 1.35 -27.07 0.04
CA ALA B 216 1.61 -25.66 -0.24
C ALA B 216 3.02 -25.47 -0.78
N GLU B 217 3.97 -26.15 -0.16
CA GLU B 217 5.39 -26.03 -0.49
C GLU B 217 5.66 -26.25 -1.98
N ASN B 218 4.92 -27.17 -2.56
CA ASN B 218 5.11 -27.52 -3.96
C ASN B 218 4.31 -26.67 -4.93
N ARG B 219 3.19 -26.11 -4.49
CA ARG B 219 2.27 -25.48 -5.43
C ARG B 219 1.83 -24.04 -5.14
N ASN B 220 2.29 -23.44 -4.04
CA ASN B 220 1.84 -22.09 -3.73
C ASN B 220 2.59 -21.03 -4.54
N LEU B 221 1.84 -20.28 -5.35
CA LEU B 221 2.40 -19.35 -6.33
C LEU B 221 3.27 -18.25 -5.74
N SER B 222 3.01 -17.88 -4.49
CA SER B 222 3.81 -16.85 -3.83
C SER B 222 5.21 -17.36 -3.53
N LEU B 223 5.33 -18.65 -3.25
CA LEU B 223 6.64 -19.27 -3.06
C LEU B 223 7.37 -19.40 -4.39
N LEU B 224 6.73 -20.08 -5.34
CA LEU B 224 7.27 -20.25 -6.69
C LEU B 224 7.81 -18.94 -7.26
N GLN B 225 7.07 -17.86 -7.06
CA GLN B 225 7.50 -16.53 -7.49
C GLN B 225 8.81 -16.13 -6.83
N ALA B 226 8.86 -16.28 -5.51
CA ALA B 226 10.04 -15.95 -4.73
C ALA B 226 11.25 -16.76 -5.17
N ARG B 227 11.01 -18.00 -5.59
CA ARG B 227 12.08 -18.87 -6.07
C ARG B 227 12.60 -18.40 -7.42
N LEU B 228 11.69 -18.17 -8.37
CA LEU B 228 12.06 -17.69 -9.70
C LEU B 228 12.78 -16.34 -9.61
N SER B 229 12.46 -15.55 -8.60
CA SER B 229 13.02 -14.21 -8.46
C SER B 229 14.40 -14.24 -7.83
N GLN B 230 14.61 -15.23 -6.96
CA GLN B 230 15.93 -15.46 -6.39
C GLN B 230 16.86 -16.00 -7.46
N ASP B 231 16.33 -16.93 -8.27
CA ASP B 231 17.04 -17.46 -9.43
C ASP B 231 17.32 -16.35 -10.44
N LEU B 232 16.51 -15.31 -10.40
CA LEU B 232 16.71 -14.11 -11.20
C LEU B 232 17.88 -13.30 -10.63
N ALA B 233 17.94 -13.21 -9.30
CA ALA B 233 18.99 -12.45 -8.62
C ALA B 233 20.35 -13.10 -8.79
N ARG B 234 20.37 -14.44 -8.76
CA ARG B 234 21.59 -15.20 -8.99
C ARG B 234 22.15 -14.92 -10.38
N GLU B 235 21.26 -14.77 -11.34
CA GLU B 235 21.64 -14.56 -12.73
C GLU B 235 22.05 -13.11 -12.96
N GLN B 236 21.76 -12.24 -11.99
CA GLN B 236 22.23 -10.86 -12.04
C GLN B 236 23.60 -10.74 -11.39
N ILE B 237 24.00 -11.78 -10.66
CA ILE B 237 25.36 -11.85 -10.11
C ILE B 237 26.34 -12.14 -11.23
N ARG B 238 25.97 -13.09 -12.09
CA ARG B 238 26.81 -13.49 -13.21
C ARG B 238 26.91 -12.38 -14.24
N GLN B 239 25.85 -11.57 -14.34
CA GLN B 239 25.85 -10.44 -15.26
C GLN B 239 26.82 -9.37 -14.80
N ALA B 240 26.90 -9.20 -13.48
CA ALA B 240 27.83 -8.25 -12.88
C ALA B 240 29.27 -8.71 -13.09
N GLN B 241 29.50 -10.01 -12.91
CA GLN B 241 30.83 -10.60 -13.12
C GLN B 241 31.21 -10.56 -14.59
N ASP B 242 30.21 -10.45 -15.46
CA ASP B 242 30.42 -10.47 -16.91
C ASP B 242 31.09 -9.20 -17.42
N GLY B 243 31.31 -8.24 -16.52
CA GLY B 243 31.98 -7.00 -16.88
C GLY B 243 33.49 -7.17 -17.04
N HIS B 244 33.99 -8.37 -16.74
CA HIS B 244 35.42 -8.64 -16.81
C HIS B 244 35.86 -9.25 -18.14
N LEU B 245 34.96 -9.29 -19.10
CA LEU B 245 35.18 -10.07 -20.32
C LEU B 245 35.42 -9.25 -21.58
N PRO B 246 36.09 -9.85 -22.58
CA PRO B 246 36.32 -9.21 -23.88
C PRO B 246 35.05 -9.15 -24.76
N THR B 247 35.08 -8.32 -25.79
CA THR B 247 33.90 -8.11 -26.63
C THR B 247 34.25 -8.14 -28.12
N LEU B 248 34.10 -9.31 -28.73
CA LEU B 248 34.35 -9.46 -30.17
C LEU B 248 33.15 -8.94 -30.95
N ASN B 249 33.42 -8.23 -32.05
CA ASN B 249 32.38 -7.55 -32.80
C ASN B 249 32.69 -7.41 -34.29
N LEU B 250 31.97 -8.15 -35.13
CA LEU B 250 32.09 -7.99 -36.57
C LEU B 250 31.38 -6.72 -37.01
N THR B 251 31.94 -6.05 -38.01
CA THR B 251 31.29 -4.91 -38.65
C THR B 251 31.57 -4.93 -40.14
N ALA B 252 30.78 -4.20 -40.90
CA ALA B 252 30.95 -4.12 -42.35
C ALA B 252 30.19 -2.93 -42.93
N SER B 253 30.56 -2.51 -44.14
CA SER B 253 29.90 -1.38 -44.80
C SER B 253 30.32 -1.14 -46.25
N THR B 254 29.33 -0.94 -47.11
CA THR B 254 29.55 -0.38 -48.45
C THR B 254 29.25 1.12 -48.37
N GLY B 255 29.99 1.92 -49.13
CA GLY B 255 29.80 3.36 -49.09
C GLY B 255 30.36 4.13 -50.27
N ILE B 256 29.97 5.40 -50.40
CA ILE B 256 30.45 6.30 -51.46
C ILE B 256 30.69 7.69 -50.89
N SER B 257 31.45 8.53 -51.61
CA SER B 257 31.84 9.85 -51.08
C SER B 257 32.32 10.89 -52.12
N ASP B 258 31.40 11.51 -52.84
CA ASP B 258 31.68 12.71 -53.66
C ASP B 258 32.27 13.87 -52.88
N THR B 259 33.53 14.21 -53.12
CA THR B 259 34.08 15.44 -52.56
C THR B 259 34.57 16.36 -53.67
N SER B 260 34.53 17.66 -53.42
CA SER B 260 34.88 18.62 -54.46
C SER B 260 35.41 19.97 -53.94
N TYR B 261 36.73 20.12 -53.97
CA TYR B 261 37.40 21.34 -53.54
C TYR B 261 37.16 22.51 -54.49
N SER B 262 37.15 23.73 -53.96
CA SER B 262 36.86 24.92 -54.75
C SER B 262 37.47 26.18 -54.15
N GLY B 263 38.52 26.71 -54.76
CA GLY B 263 39.09 27.96 -54.28
C GLY B 263 40.47 28.39 -54.75
N SER B 264 41.28 28.80 -53.79
CA SER B 264 42.55 29.49 -54.04
C SER B 264 43.74 28.54 -54.11
N LYS B 265 44.32 28.26 -52.95
CA LYS B 265 45.45 27.33 -52.87
C LYS B 265 44.86 25.92 -52.80
N THR B 266 44.39 25.47 -53.95
CA THR B 266 43.87 24.12 -54.10
C THR B 266 44.99 23.28 -54.70
N ASN B 267 46.17 23.38 -54.10
CA ASN B 267 47.42 22.95 -54.75
C ASN B 267 48.33 21.99 -53.99
N SER B 268 47.80 20.87 -53.48
CA SER B 268 48.67 19.95 -52.75
C SER B 268 48.13 18.52 -52.62
N THR B 269 48.77 17.72 -51.76
CA THR B 269 48.61 16.27 -51.77
C THR B 269 48.00 15.61 -50.54
N GLN B 270 48.46 15.96 -49.34
CA GLN B 270 48.12 15.15 -48.15
C GLN B 270 46.63 15.20 -47.81
N TYR B 271 45.91 16.16 -48.38
CA TYR B 271 44.45 16.16 -48.36
C TYR B 271 43.98 15.71 -49.73
N ASP B 272 42.87 14.97 -49.79
CA ASP B 272 42.42 14.50 -51.10
C ASP B 272 41.01 14.95 -51.49
N ASP B 273 40.75 14.84 -52.77
CA ASP B 273 39.50 15.25 -53.40
C ASP B 273 39.10 14.03 -54.21
N SER B 274 38.39 13.09 -53.58
CA SER B 274 38.19 11.79 -54.17
C SER B 274 36.69 11.50 -54.37
N ASN B 275 36.37 10.22 -54.57
CA ASN B 275 35.00 9.74 -54.82
C ASN B 275 35.01 8.27 -54.37
N MET B 276 35.73 7.99 -53.29
CA MET B 276 35.91 6.62 -52.79
C MET B 276 34.61 5.81 -52.76
N GLY B 277 34.74 4.51 -53.01
CA GLY B 277 33.68 3.56 -52.79
C GLY B 277 34.23 2.50 -51.86
N GLN B 278 34.09 2.72 -50.56
CA GLN B 278 34.71 1.80 -49.60
C GLN B 278 33.78 0.65 -49.21
N ASN B 279 34.32 -0.56 -49.30
CA ASN B 279 33.63 -1.76 -48.82
C ASN B 279 34.35 -2.31 -47.60
N LYS B 280 34.35 -1.53 -46.53
CA LYS B 280 35.06 -1.89 -45.31
C LYS B 280 34.44 -3.08 -44.60
N ILE B 281 35.29 -3.93 -44.04
CA ILE B 281 34.91 -5.13 -43.31
C ILE B 281 35.93 -5.39 -42.20
N GLY B 282 35.48 -5.75 -41.00
CA GLY B 282 36.45 -6.07 -39.97
C GLY B 282 36.01 -6.37 -38.55
N LEU B 283 36.86 -7.11 -37.84
CA LEU B 283 36.63 -7.46 -36.44
C LEU B 283 37.04 -6.33 -35.50
N ASN B 284 36.34 -6.24 -34.37
CA ASN B 284 36.67 -5.27 -33.34
C ASN B 284 36.75 -5.94 -31.97
N PHE B 285 37.85 -5.71 -31.26
CA PHE B 285 38.08 -6.34 -29.97
C PHE B 285 38.19 -5.29 -28.86
N SER B 286 37.38 -5.43 -27.82
CA SER B 286 37.46 -4.54 -26.67
C SER B 286 37.58 -5.32 -25.38
N LEU B 287 38.47 -4.86 -24.50
CA LEU B 287 38.71 -5.54 -23.22
C LEU B 287 39.05 -4.56 -22.11
N PRO B 288 38.18 -4.48 -21.08
CA PRO B 288 38.51 -3.68 -19.90
C PRO B 288 39.64 -4.31 -19.10
N LEU B 289 40.57 -3.48 -18.64
CA LEU B 289 41.62 -3.96 -17.76
C LEU B 289 41.37 -3.45 -16.35
N TYR B 290 40.84 -2.23 -16.25
CA TYR B 290 40.49 -1.63 -14.96
C TYR B 290 39.63 -0.38 -15.14
N GLN B 291 38.55 -0.28 -14.36
CA GLN B 291 37.63 0.85 -14.45
C GLN B 291 37.32 1.49 -13.10
N GLY B 292 38.33 1.57 -12.23
CA GLY B 292 38.15 2.17 -10.92
C GLY B 292 37.37 1.32 -9.94
N GLY B 293 37.54 0.00 -10.04
CA GLY B 293 36.84 -0.92 -9.15
C GLY B 293 35.33 -0.87 -9.29
N MET B 294 34.86 -0.61 -10.51
CA MET B 294 33.43 -0.54 -10.78
C MET B 294 32.79 -1.93 -10.76
N VAL B 295 33.33 -2.82 -11.58
CA VAL B 295 32.78 -4.16 -11.75
C VAL B 295 32.78 -4.94 -10.43
N ASN B 296 33.84 -4.78 -9.65
CA ASN B 296 33.92 -5.42 -8.34
C ASN B 296 32.85 -4.90 -7.40
N SER B 297 32.61 -3.59 -7.43
CA SER B 297 31.57 -2.98 -6.62
C SER B 297 30.20 -3.45 -7.08
N GLN B 298 30.07 -3.70 -8.39
CA GLN B 298 28.81 -4.13 -8.97
C GLN B 298 28.54 -5.61 -8.71
N VAL B 299 29.57 -6.34 -8.26
CA VAL B 299 29.43 -7.75 -7.94
C VAL B 299 29.09 -7.93 -6.46
N LYS B 300 29.76 -7.17 -5.60
CA LYS B 300 29.45 -7.21 -4.17
C LYS B 300 28.03 -6.74 -3.92
N GLN B 301 27.53 -5.85 -4.78
CA GLN B 301 26.15 -5.41 -4.72
C GLN B 301 25.20 -6.52 -5.14
N ALA B 302 25.52 -7.16 -6.27
CA ALA B 302 24.69 -8.23 -6.81
C ALA B 302 24.64 -9.41 -5.86
N GLN B 303 25.72 -9.58 -5.09
CA GLN B 303 25.78 -10.63 -4.08
C GLN B 303 24.94 -10.26 -2.86
N TYR B 304 24.89 -8.97 -2.54
CA TYR B 304 24.05 -8.48 -1.47
C TYR B 304 22.58 -8.47 -1.91
N ASN B 305 22.36 -8.22 -3.19
CA ASN B 305 21.03 -8.29 -3.77
C ASN B 305 20.64 -9.75 -4.07
N PHE B 306 21.38 -10.69 -3.49
CA PHE B 306 21.02 -12.09 -3.60
C PHE B 306 20.70 -12.71 -2.24
N VAL B 307 21.40 -12.26 -1.20
CA VAL B 307 21.02 -12.63 0.16
C VAL B 307 19.74 -11.89 0.49
N GLY B 308 19.55 -10.75 -0.18
CA GLY B 308 18.31 -10.01 -0.08
C GLY B 308 17.18 -10.83 -0.68
N ALA B 309 17.39 -11.33 -1.89
CA ALA B 309 16.37 -12.13 -2.56
C ALA B 309 16.17 -13.48 -1.88
N SER B 310 17.13 -13.87 -1.04
CA SER B 310 17.05 -15.14 -0.33
C SER B 310 16.28 -15.01 0.99
N GLU B 311 16.62 -14.00 1.78
CA GLU B 311 15.89 -13.72 3.01
C GLU B 311 14.44 -13.38 2.67
N GLN B 312 14.26 -12.79 1.49
CA GLN B 312 12.93 -12.46 0.99
C GLN B 312 12.11 -13.71 0.69
N LEU B 313 12.77 -14.87 0.67
CA LEU B 313 12.06 -16.14 0.45
C LEU B 313 11.59 -16.72 1.79
N GLU B 314 12.42 -16.61 2.82
CA GLU B 314 12.05 -17.07 4.16
C GLU B 314 10.83 -16.30 4.64
N SER B 315 10.76 -15.03 4.24
CA SER B 315 9.58 -14.20 4.49
C SER B 315 8.35 -14.77 3.79
N ALA B 316 8.51 -15.12 2.52
CA ALA B 316 7.43 -15.71 1.74
C ALA B 316 7.04 -17.07 2.29
N HIS B 317 8.00 -17.78 2.87
CA HIS B 317 7.74 -19.10 3.47
C HIS B 317 7.00 -18.97 4.80
N ARG B 318 7.37 -17.98 5.60
CA ARG B 318 6.70 -17.74 6.87
C ARG B 318 5.28 -17.25 6.64
N SER B 319 5.06 -16.63 5.49
CA SER B 319 3.74 -16.13 5.12
C SER B 319 2.80 -17.27 4.74
N VAL B 320 3.26 -18.14 3.84
CA VAL B 320 2.43 -19.25 3.38
C VAL B 320 2.12 -20.18 4.55
N VAL B 321 3.12 -20.48 5.37
CA VAL B 321 2.92 -21.29 6.57
C VAL B 321 1.83 -20.69 7.46
N GLN B 322 1.81 -19.37 7.58
CA GLN B 322 0.79 -18.71 8.40
C GLN B 322 -0.59 -18.83 7.75
N THR B 323 -0.66 -18.58 6.45
CA THR B 323 -1.94 -18.62 5.73
C THR B 323 -2.43 -20.05 5.51
N VAL B 324 -1.52 -21.01 5.52
CA VAL B 324 -1.92 -22.41 5.43
C VAL B 324 -2.37 -22.93 6.79
N ARG B 325 -1.64 -22.57 7.86
CA ARG B 325 -1.96 -23.08 9.18
C ARG B 325 -3.17 -22.38 9.82
N SER B 326 -3.22 -21.05 9.71
CA SER B 326 -4.30 -20.28 10.33
C SER B 326 -5.63 -20.51 9.61
N SER B 327 -5.59 -20.68 8.30
CA SER B 327 -6.80 -20.94 7.53
C SER B 327 -7.25 -22.38 7.72
N PHE B 328 -6.33 -23.23 8.18
CA PHE B 328 -6.70 -24.58 8.60
C PHE B 328 -7.41 -24.49 9.95
N ASN B 329 -6.89 -23.64 10.83
CA ASN B 329 -7.52 -23.36 12.11
C ASN B 329 -8.92 -22.77 11.91
N ASN B 330 -9.02 -21.82 10.98
CA ASN B 330 -10.27 -21.13 10.70
C ASN B 330 -11.39 -22.05 10.22
N ILE B 331 -11.05 -23.03 9.40
CA ILE B 331 -12.06 -23.95 8.87
C ILE B 331 -12.50 -24.93 9.95
N ASN B 332 -11.60 -25.27 10.87
CA ASN B 332 -11.95 -26.17 11.97
C ASN B 332 -12.87 -25.47 12.97
N ALA B 333 -12.66 -24.17 13.14
CA ALA B 333 -13.48 -23.36 14.03
C ALA B 333 -14.80 -23.01 13.36
N SER B 334 -14.85 -23.18 12.05
CA SER B 334 -16.08 -22.99 11.29
C SER B 334 -17.03 -24.17 11.54
N ILE B 335 -16.53 -25.37 11.34
CA ILE B 335 -17.28 -26.59 11.62
C ILE B 335 -17.81 -26.58 13.05
N SER B 336 -16.95 -26.18 13.99
CA SER B 336 -17.32 -26.07 15.39
C SER B 336 -18.44 -25.06 15.62
N SER B 337 -18.27 -23.87 15.05
CA SER B 337 -19.24 -22.79 15.20
C SER B 337 -20.60 -23.13 14.60
N ILE B 338 -20.60 -23.67 13.38
CA ILE B 338 -21.83 -24.11 12.71
C ILE B 338 -22.62 -25.06 13.61
N ASN B 339 -21.90 -25.95 14.28
CA ASN B 339 -22.49 -26.89 15.22
C ASN B 339 -22.98 -26.19 16.50
N ALA B 340 -22.16 -25.29 17.02
CA ALA B 340 -22.49 -24.58 18.26
C ALA B 340 -23.72 -23.69 18.11
N TYR B 341 -23.88 -23.11 16.92
CA TYR B 341 -25.01 -22.23 16.64
C TYR B 341 -26.26 -23.01 16.29
N LYS B 342 -26.07 -24.13 15.57
CA LYS B 342 -27.18 -25.04 15.29
C LYS B 342 -27.87 -25.40 16.59
N GLN B 343 -27.07 -25.68 17.61
CA GLN B 343 -27.57 -25.91 18.96
C GLN B 343 -28.18 -24.64 19.56
N ALA B 344 -27.43 -23.54 19.49
CA ALA B 344 -27.84 -22.26 20.04
C ALA B 344 -29.23 -21.82 19.54
N VAL B 345 -29.49 -22.04 18.25
CA VAL B 345 -30.81 -21.74 17.69
C VAL B 345 -31.87 -22.65 18.32
N VAL B 346 -31.55 -23.94 18.39
CA VAL B 346 -32.44 -24.94 18.97
C VAL B 346 -32.81 -24.59 20.42
N SER B 347 -31.81 -24.31 21.23
CA SER B 347 -32.04 -24.04 22.65
C SER B 347 -32.65 -22.66 22.91
N ALA B 348 -32.41 -21.71 22.01
CA ALA B 348 -32.97 -20.37 22.15
C ALA B 348 -34.41 -20.31 21.65
N GLN B 349 -34.83 -21.34 20.91
CA GLN B 349 -36.22 -21.44 20.47
C GLN B 349 -37.05 -22.14 21.54
N SER B 350 -36.46 -23.16 22.16
CA SER B 350 -37.06 -23.81 23.30
C SER B 350 -37.27 -22.81 24.43
N SER B 351 -36.32 -21.88 24.54
CA SER B 351 -36.35 -20.87 25.58
C SER B 351 -37.37 -19.77 25.28
N LEU B 352 -37.53 -19.43 24.00
CA LEU B 352 -38.49 -18.41 23.61
C LEU B 352 -39.90 -18.88 23.91
N ASP B 353 -40.13 -20.18 23.71
CA ASP B 353 -41.39 -20.81 24.10
C ASP B 353 -41.59 -20.69 25.60
N ALA B 354 -40.55 -21.06 26.35
CA ALA B 354 -40.63 -21.09 27.82
C ALA B 354 -40.94 -19.73 28.42
N MET B 355 -40.60 -18.66 27.69
CA MET B 355 -40.86 -17.31 28.15
C MET B 355 -42.31 -16.89 27.92
N GLU B 356 -42.81 -17.16 26.72
CA GLU B 356 -44.20 -16.88 26.39
C GLU B 356 -45.15 -17.71 27.25
N ALA B 357 -44.62 -18.80 27.79
CA ALA B 357 -45.34 -19.61 28.75
C ALA B 357 -45.32 -18.96 30.13
N GLY B 358 -44.11 -18.66 30.61
CA GLY B 358 -43.93 -18.05 31.91
C GLY B 358 -44.58 -16.68 32.03
N TYR B 359 -44.81 -16.06 30.88
CA TYR B 359 -45.45 -14.75 30.80
C TYR B 359 -46.95 -14.86 31.09
N SER B 360 -47.54 -15.96 30.65
CA SER B 360 -48.98 -16.18 30.78
C SER B 360 -49.36 -16.61 32.19
N VAL B 361 -48.39 -16.67 33.09
CA VAL B 361 -48.65 -17.11 34.46
C VAL B 361 -47.98 -16.21 35.49
N GLY B 362 -47.04 -15.38 35.06
CA GLY B 362 -46.44 -14.38 35.92
C GLY B 362 -45.03 -14.63 36.42
N THR B 363 -44.36 -15.64 35.86
CA THR B 363 -42.98 -15.91 36.23
C THR B 363 -42.00 -15.11 35.37
N ARG B 364 -42.42 -14.75 34.17
CA ARG B 364 -41.59 -13.98 33.26
C ARG B 364 -42.42 -12.85 32.65
N THR B 365 -41.81 -11.70 32.40
CA THR B 365 -42.54 -10.53 31.94
C THR B 365 -42.40 -10.30 30.43
N ILE B 366 -43.01 -9.22 29.95
CA ILE B 366 -43.03 -8.91 28.52
C ILE B 366 -41.61 -8.73 27.95
N VAL B 367 -40.71 -8.18 28.76
CA VAL B 367 -39.33 -8.00 28.34
C VAL B 367 -38.62 -9.34 28.17
N ASP B 368 -39.01 -10.33 28.99
CA ASP B 368 -38.41 -11.66 28.92
C ASP B 368 -38.71 -12.35 27.60
N VAL B 369 -39.95 -12.23 27.14
CA VAL B 369 -40.35 -12.79 25.87
C VAL B 369 -39.63 -12.11 24.71
N LEU B 370 -39.58 -10.78 24.77
CA LEU B 370 -38.94 -9.99 23.72
C LEU B 370 -37.45 -10.32 23.60
N ASP B 371 -36.76 -10.36 24.72
CA ASP B 371 -35.32 -10.65 24.72
C ASP B 371 -35.01 -12.04 24.18
N ALA B 372 -35.93 -12.97 24.38
CA ALA B 372 -35.79 -14.32 23.85
C ALA B 372 -35.92 -14.32 22.34
N THR B 373 -36.80 -13.46 21.82
CA THR B 373 -36.93 -13.26 20.39
C THR B 373 -35.63 -12.73 19.82
N THR B 374 -35.06 -11.73 20.51
CA THR B 374 -33.80 -11.12 20.11
C THR B 374 -32.67 -12.15 20.06
N THR B 375 -32.59 -13.01 21.08
CA THR B 375 -31.58 -14.06 21.12
C THR B 375 -31.81 -15.09 20.02
N LEU B 376 -33.07 -15.42 19.76
CA LEU B 376 -33.40 -16.41 18.75
C LEU B 376 -32.94 -15.96 17.37
N TYR B 377 -33.45 -14.82 16.91
CA TYR B 377 -33.05 -14.27 15.62
C TYR B 377 -31.67 -13.62 15.67
N ASP B 378 -30.86 -14.04 16.63
CA ASP B 378 -29.44 -13.68 16.66
C ASP B 378 -28.61 -14.94 16.54
N ALA B 379 -29.13 -16.04 17.08
CA ALA B 379 -28.49 -17.33 16.91
C ALA B 379 -28.61 -17.77 15.46
N LYS B 380 -29.77 -17.49 14.87
CA LYS B 380 -30.06 -17.84 13.48
C LYS B 380 -29.24 -16.99 12.52
N GLN B 381 -29.16 -15.69 12.78
CA GLN B 381 -28.29 -14.82 12.00
C GLN B 381 -26.85 -15.35 12.05
N GLN B 382 -26.41 -15.74 13.25
CA GLN B 382 -25.06 -16.25 13.45
C GLN B 382 -24.86 -17.63 12.83
N LEU B 383 -25.89 -18.48 12.91
CA LEU B 383 -25.83 -19.80 12.28
C LEU B 383 -25.73 -19.66 10.76
N ALA B 384 -26.47 -18.71 10.21
CA ALA B 384 -26.43 -18.43 8.77
C ALA B 384 -25.06 -17.92 8.34
N ASN B 385 -24.54 -16.94 9.07
CA ASN B 385 -23.22 -16.37 8.79
C ASN B 385 -22.14 -17.45 8.79
N ALA B 386 -22.18 -18.29 9.83
CA ALA B 386 -21.18 -19.33 10.03
C ALA B 386 -21.06 -20.25 8.82
N ARG B 387 -22.19 -20.56 8.19
CA ARG B 387 -22.19 -21.46 7.05
C ARG B 387 -21.47 -20.88 5.85
N TYR B 388 -21.59 -19.57 5.65
CA TYR B 388 -20.91 -18.89 4.55
C TYR B 388 -19.41 -18.77 4.81
N THR B 389 -19.04 -18.47 6.04
CA THR B 389 -17.64 -18.34 6.42
C THR B 389 -16.90 -19.65 6.18
N TYR B 390 -17.52 -20.76 6.58
CA TYR B 390 -16.99 -22.09 6.31
C TYR B 390 -16.73 -22.28 4.82
N LEU B 391 -17.68 -21.83 4.01
CA LEU B 391 -17.60 -21.96 2.57
C LEU B 391 -16.42 -21.19 1.99
N ILE B 392 -16.30 -19.92 2.38
CA ILE B 392 -15.17 -19.10 1.95
C ILE B 392 -13.86 -19.69 2.44
N ASN B 393 -13.88 -20.18 3.68
CA ASN B 393 -12.69 -20.75 4.32
C ASN B 393 -12.15 -21.97 3.57
N GLN B 394 -13.04 -22.70 2.90
CA GLN B 394 -12.62 -23.81 2.05
C GLN B 394 -11.77 -23.29 0.91
N LEU B 395 -12.17 -22.15 0.35
CA LEU B 395 -11.46 -21.53 -0.76
C LEU B 395 -10.15 -20.91 -0.30
N ASN B 396 -10.17 -20.27 0.86
CA ASN B 396 -8.96 -19.68 1.44
C ASN B 396 -7.83 -20.69 1.61
N ILE B 397 -8.21 -21.96 1.80
CA ILE B 397 -7.23 -23.03 1.89
C ILE B 397 -6.70 -23.37 0.50
N LYS B 398 -7.59 -23.58 -0.45
CA LYS B 398 -7.21 -23.82 -1.85
C LYS B 398 -6.38 -22.66 -2.36
N TYR B 399 -6.58 -21.50 -1.74
CA TYR B 399 -5.82 -20.32 -2.06
C TYR B 399 -4.41 -20.41 -1.47
N ALA B 400 -4.32 -20.71 -0.18
CA ALA B 400 -3.04 -20.83 0.51
C ALA B 400 -2.14 -21.84 -0.17
N LEU B 401 -2.72 -22.99 -0.54
CA LEU B 401 -2.00 -24.03 -1.25
C LEU B 401 -1.63 -23.59 -2.67
N GLY B 402 -2.29 -22.52 -3.14
CA GLY B 402 -2.04 -22.00 -4.47
C GLY B 402 -2.61 -22.88 -5.57
N THR B 403 -3.64 -23.64 -5.24
CA THR B 403 -4.27 -24.54 -6.20
C THR B 403 -5.75 -24.23 -6.39
N LEU B 404 -6.13 -22.98 -6.12
CA LEU B 404 -7.52 -22.57 -6.26
C LEU B 404 -7.87 -22.37 -7.74
N ASN B 405 -8.96 -23.02 -8.16
CA ASN B 405 -9.38 -22.95 -9.56
C ASN B 405 -10.90 -22.96 -9.74
N GLU B 406 -11.32 -23.15 -11.00
CA GLU B 406 -12.73 -23.24 -11.38
C GLU B 406 -13.49 -24.31 -10.61
N GLN B 407 -12.91 -25.51 -10.59
CA GLN B 407 -13.57 -26.69 -10.04
C GLN B 407 -14.00 -26.51 -8.58
N ASP B 408 -13.25 -25.71 -7.83
CA ASP B 408 -13.62 -25.41 -6.46
C ASP B 408 -14.92 -24.61 -6.41
N LEU B 409 -15.11 -23.72 -7.39
CA LEU B 409 -16.38 -23.02 -7.53
C LEU B 409 -17.45 -23.97 -8.06
N LEU B 410 -17.04 -24.88 -8.94
CA LEU B 410 -17.94 -25.89 -9.46
C LEU B 410 -18.50 -26.76 -8.34
N ALA B 411 -17.60 -27.13 -7.42
CA ALA B 411 -17.99 -27.86 -6.22
C ALA B 411 -19.09 -27.11 -5.49
N LEU B 412 -18.94 -25.79 -5.40
CA LEU B 412 -19.92 -24.95 -4.71
C LEU B 412 -21.19 -24.75 -5.54
N ASN B 413 -21.65 -25.82 -6.19
CA ASN B 413 -22.91 -25.78 -6.90
C ASN B 413 -23.86 -26.86 -6.42
N SER B 414 -23.30 -27.93 -5.86
CA SER B 414 -24.10 -28.95 -5.20
C SER B 414 -24.69 -28.36 -3.92
N THR B 415 -24.02 -27.33 -3.42
CA THR B 415 -24.43 -26.66 -2.19
C THR B 415 -25.44 -25.55 -2.45
N LEU B 416 -25.50 -25.05 -3.69
CA LEU B 416 -26.49 -24.04 -4.04
C LEU B 416 -27.76 -24.67 -4.63
N GLY B 417 -28.72 -23.83 -5.01
CA GLY B 417 -29.95 -24.33 -5.59
C GLY B 417 -31.00 -23.25 -5.86
N LYS B 418 -32.04 -23.24 -5.03
CA LYS B 418 -33.19 -22.35 -5.19
C LYS B 418 -32.81 -20.87 -5.25
N PRO B 419 -33.25 -20.17 -6.31
CA PRO B 419 -33.00 -18.74 -6.47
C PRO B 419 -33.70 -17.86 -5.44
N ILE B 420 -33.05 -16.76 -5.07
CA ILE B 420 -33.66 -15.74 -4.23
C ILE B 420 -33.35 -14.35 -4.77
N PRO B 421 -34.36 -13.45 -4.76
CA PRO B 421 -34.19 -12.05 -5.17
C PRO B 421 -33.14 -11.35 -4.31
N THR B 422 -32.59 -10.22 -4.77
CA THR B 422 -31.47 -9.58 -4.08
C THR B 422 -31.83 -8.20 -3.55
N SER B 423 -33.10 -7.83 -3.67
CA SER B 423 -33.61 -6.62 -3.06
C SER B 423 -34.76 -7.04 -2.14
N PRO B 424 -35.59 -6.08 -1.64
CA PRO B 424 -36.87 -6.39 -1.01
C PRO B 424 -37.64 -7.58 -1.57
N GLU B 425 -38.03 -8.49 -0.69
CA GLU B 425 -37.65 -8.41 0.72
C GLU B 425 -37.05 -9.71 1.23
N GLU C 1 11.31 -18.60 26.08
CA GLU C 1 10.14 -18.70 26.93
C GLU C 1 9.53 -17.33 27.23
N ASN C 2 10.30 -16.43 27.83
CA ASN C 2 9.80 -15.09 28.12
C ASN C 2 10.24 -14.05 27.08
N LEU C 3 9.73 -12.83 27.21
CA LEU C 3 9.84 -11.80 26.18
C LEU C 3 11.26 -11.47 25.74
N MET C 4 12.18 -11.38 26.70
CA MET C 4 13.58 -11.16 26.37
C MET C 4 14.08 -12.27 25.45
N GLN C 5 13.88 -13.50 25.90
CA GLN C 5 14.42 -14.68 25.23
C GLN C 5 13.76 -14.99 23.89
N VAL C 6 12.53 -14.55 23.70
CA VAL C 6 11.84 -14.75 22.42
C VAL C 6 12.37 -13.76 21.38
N TYR C 7 12.62 -12.52 21.81
CA TYR C 7 13.14 -11.49 20.92
C TYR C 7 14.52 -11.85 20.38
N GLN C 8 15.38 -12.36 21.25
CA GLN C 8 16.71 -12.79 20.84
C GLN C 8 16.60 -13.85 19.76
N GLN C 9 15.69 -14.80 19.98
CA GLN C 9 15.46 -15.89 19.04
C GLN C 9 14.92 -15.38 17.70
N ALA C 10 14.25 -14.24 17.72
CA ALA C 10 13.68 -13.66 16.50
C ALA C 10 14.69 -12.75 15.80
N ARG C 11 15.43 -11.98 16.60
CA ARG C 11 16.39 -11.01 16.09
C ARG C 11 17.45 -11.62 15.17
N LEU C 12 17.85 -12.85 15.46
CA LEU C 12 18.96 -13.48 14.78
C LEU C 12 18.63 -13.95 13.37
N SER C 13 17.35 -14.22 13.10
CA SER C 13 16.99 -14.85 11.83
C SER C 13 15.73 -14.30 11.16
N ASN C 14 15.25 -13.14 11.62
CA ASN C 14 14.04 -12.56 11.03
C ASN C 14 14.30 -12.06 9.60
N PRO C 15 13.64 -12.68 8.61
CA PRO C 15 13.90 -12.46 7.18
C PRO C 15 13.60 -11.03 6.73
N GLU C 16 12.69 -10.36 7.43
CA GLU C 16 12.41 -8.96 7.15
C GLU C 16 13.63 -8.10 7.45
N LEU C 17 14.23 -8.34 8.60
CA LEU C 17 15.35 -7.51 9.09
C LEU C 17 16.63 -7.78 8.31
N ARG C 18 16.91 -9.04 8.01
CA ARG C 18 18.12 -9.39 7.26
C ARG C 18 18.02 -8.91 5.82
N LYS C 19 16.78 -8.79 5.33
CA LYS C 19 16.55 -8.22 4.00
C LYS C 19 16.93 -6.74 4.00
N SER C 20 16.66 -6.07 5.12
CA SER C 20 17.04 -4.69 5.30
C SER C 20 18.56 -4.55 5.41
N ALA C 21 19.18 -5.51 6.09
CA ALA C 21 20.62 -5.51 6.28
C ALA C 21 21.34 -5.59 4.94
N ALA C 22 20.80 -6.39 4.03
CA ALA C 22 21.33 -6.51 2.67
C ALA C 22 21.19 -5.18 1.94
N ASP C 23 19.99 -4.61 1.96
CA ASP C 23 19.73 -3.31 1.36
C ASP C 23 20.74 -2.28 1.86
N ARG C 24 21.03 -2.34 3.16
CA ARG C 24 22.02 -1.46 3.76
C ARG C 24 23.40 -1.77 3.20
N ASP C 25 23.84 -3.00 3.41
CA ASP C 25 25.13 -3.49 2.91
C ASP C 25 25.37 -3.12 1.46
N ALA C 26 24.36 -3.34 0.62
CA ALA C 26 24.47 -3.06 -0.82
C ALA C 26 24.56 -1.58 -1.12
N ALA C 27 23.82 -0.77 -0.36
CA ALA C 27 23.75 0.66 -0.59
C ALA C 27 25.03 1.36 -0.15
N PHE C 28 25.77 0.72 0.76
CA PHE C 28 27.09 1.20 1.15
C PHE C 28 28.14 0.74 0.15
N GLU C 29 27.95 -0.47 -0.35
CA GLU C 29 28.88 -1.06 -1.32
C GLU C 29 28.96 -0.22 -2.59
N LYS C 30 27.83 0.38 -2.98
CA LYS C 30 27.74 1.14 -4.21
C LYS C 30 28.60 2.40 -4.21
N ILE C 31 29.02 2.85 -3.04
CA ILE C 31 29.88 4.02 -2.92
C ILE C 31 31.17 3.81 -3.71
N ASN C 32 31.66 2.58 -3.70
CA ASN C 32 32.85 2.22 -4.47
C ASN C 32 32.59 2.21 -5.98
N GLU C 33 31.32 2.26 -6.35
CA GLU C 33 30.92 2.38 -7.74
C GLU C 33 30.70 3.84 -8.12
N ALA C 34 30.33 4.64 -7.12
CA ALA C 34 30.16 6.08 -7.31
C ALA C 34 31.51 6.79 -7.34
N ARG C 35 32.56 6.06 -6.96
CA ARG C 35 33.93 6.59 -6.97
C ARG C 35 34.64 6.18 -8.25
N SER C 36 34.20 5.06 -8.82
CA SER C 36 34.86 4.45 -9.98
C SER C 36 35.06 5.38 -11.19
N PRO C 37 34.10 6.28 -11.48
CA PRO C 37 34.43 7.15 -12.61
C PRO C 37 35.50 8.20 -12.27
N LEU C 38 35.91 8.28 -11.01
CA LEU C 38 36.95 9.22 -10.59
C LEU C 38 38.32 8.57 -10.46
N LEU C 39 38.58 7.53 -11.26
CA LEU C 39 39.81 6.76 -11.13
C LEU C 39 40.31 6.28 -12.50
N PRO C 40 41.60 5.90 -12.60
CA PRO C 40 42.20 5.47 -13.87
C PRO C 40 41.38 4.44 -14.65
N GLN C 41 40.97 4.81 -15.86
CA GLN C 41 40.20 3.92 -16.72
C GLN C 41 41.11 3.31 -17.80
N LEU C 42 41.53 2.08 -17.57
CA LEU C 42 42.50 1.42 -18.44
C LEU C 42 41.85 0.32 -19.27
N GLY C 43 41.86 0.51 -20.59
CA GLY C 43 41.22 -0.42 -21.50
C GLY C 43 42.05 -0.79 -22.71
N LEU C 44 42.19 -2.09 -22.95
CA LEU C 44 42.99 -2.61 -24.07
C LEU C 44 42.09 -2.96 -25.26
N GLY C 45 42.47 -2.47 -26.44
CA GLY C 45 41.67 -2.70 -27.63
C GLY C 45 42.45 -2.95 -28.92
N ALA C 46 42.15 -4.06 -29.58
CA ALA C 46 42.73 -4.39 -30.88
C ALA C 46 41.63 -4.52 -31.94
N ASP C 47 42.00 -4.37 -33.20
CA ASP C 47 41.03 -4.58 -34.29
C ASP C 47 41.69 -4.94 -35.61
N TYR C 48 40.89 -4.91 -36.67
CA TYR C 48 41.29 -5.34 -38.01
C TYR C 48 40.26 -4.81 -38.98
N THR C 49 40.72 -4.14 -40.05
CA THR C 49 39.81 -3.67 -41.08
C THR C 49 40.30 -4.07 -42.46
N TYR C 50 39.36 -4.27 -43.38
CA TYR C 50 39.68 -4.50 -44.78
C TYR C 50 38.86 -3.57 -45.67
N SER C 51 39.52 -2.91 -46.62
CA SER C 51 38.83 -2.02 -47.54
C SER C 51 38.81 -2.56 -48.96
N ASN C 52 37.94 -1.97 -49.78
CA ASN C 52 37.84 -2.35 -51.19
C ASN C 52 37.19 -1.23 -52.01
N GLY C 53 38.00 -0.31 -52.50
CA GLY C 53 37.53 0.74 -53.37
C GLY C 53 36.94 0.16 -54.64
N TYR C 54 35.77 0.67 -55.05
CA TYR C 54 35.11 0.12 -56.23
C TYR C 54 34.43 1.20 -57.08
N ARG C 55 34.60 2.47 -56.68
CA ARG C 55 34.24 3.60 -57.55
C ARG C 55 35.50 4.21 -58.20
N ASP C 56 35.90 5.44 -57.87
CA ASP C 56 37.17 5.96 -58.39
C ASP C 56 38.33 5.44 -57.53
N ALA C 57 38.00 4.58 -56.58
CA ALA C 57 39.01 3.94 -55.75
C ALA C 57 39.19 2.49 -56.19
N ASN C 58 38.68 2.19 -57.37
CA ASN C 58 38.84 0.87 -57.96
C ASN C 58 40.32 0.51 -58.03
N GLY C 59 40.70 -0.54 -57.30
CA GLY C 59 42.10 -0.92 -57.22
C GLY C 59 42.79 -0.24 -56.05
N ILE C 60 42.08 -0.14 -54.92
CA ILE C 60 42.67 0.34 -53.67
C ILE C 60 42.15 -0.52 -52.53
N ASN C 61 43.01 -1.37 -51.98
CA ASN C 61 42.60 -2.36 -50.99
C ASN C 61 43.44 -2.37 -49.73
N SER C 62 43.03 -1.59 -48.73
CA SER C 62 43.74 -1.55 -47.45
C SER C 62 43.60 -2.89 -46.71
N ASN C 63 44.47 -3.10 -45.73
CA ASN C 63 44.35 -4.24 -44.82
C ASN C 63 45.06 -3.92 -43.51
N GLU C 64 44.32 -3.29 -42.61
CA GLU C 64 44.90 -2.69 -41.42
C GLU C 64 44.93 -3.64 -40.23
N THR C 65 45.33 -3.11 -39.08
CA THR C 65 45.48 -3.85 -37.84
C THR C 65 45.86 -2.85 -36.77
N SER C 66 45.35 -3.03 -35.55
CA SER C 66 45.70 -2.10 -34.48
C SER C 66 45.76 -2.76 -33.11
N ALA C 67 46.41 -2.07 -32.19
CA ALA C 67 46.38 -2.40 -30.77
C ALA C 67 46.33 -1.08 -30.03
N SER C 68 46.34 -1.16 -28.70
CA SER C 68 46.38 0.04 -27.87
C SER C 68 46.38 -0.29 -26.39
N LEU C 69 46.84 0.67 -25.60
CA LEU C 69 46.33 0.82 -24.25
C LEU C 69 45.51 2.10 -24.27
N GLN C 70 44.60 2.24 -23.33
CA GLN C 70 43.88 3.50 -23.18
C GLN C 70 43.90 3.90 -21.72
N LEU C 71 43.77 5.20 -21.49
CA LEU C 71 43.69 5.73 -20.15
C LEU C 71 42.96 7.05 -20.21
N THR C 72 41.85 7.14 -19.48
CA THR C 72 41.10 8.38 -19.44
C THR C 72 40.74 8.75 -18.00
N GLN C 73 41.79 8.93 -17.20
CA GLN C 73 41.66 9.54 -15.89
C GLN C 73 41.00 10.91 -16.02
N THR C 74 40.07 11.20 -15.12
CA THR C 74 39.36 12.48 -15.17
C THR C 74 39.89 13.41 -14.08
N LEU C 75 40.08 14.68 -14.42
CA LEU C 75 40.75 15.63 -13.54
C LEU C 75 39.77 16.55 -12.82
N PHE C 76 38.99 17.31 -13.57
CA PHE C 76 37.92 18.10 -12.99
C PHE C 76 36.59 17.77 -13.66
N ASP C 77 35.80 16.94 -12.99
CA ASP C 77 34.48 16.55 -13.46
C ASP C 77 33.54 16.57 -12.26
N MET C 78 32.97 17.74 -11.97
CA MET C 78 32.24 17.97 -10.74
C MET C 78 31.05 17.02 -10.54
N SER C 79 30.37 16.68 -11.62
CA SER C 79 29.17 15.84 -11.53
C SER C 79 29.51 14.46 -10.99
N LYS C 80 30.66 13.93 -11.37
CA LYS C 80 31.12 12.64 -10.88
C LYS C 80 31.51 12.72 -9.41
N TRP C 81 32.15 13.83 -9.02
CA TRP C 81 32.41 14.11 -7.62
C TRP C 81 31.10 14.18 -6.84
N ARG C 82 30.09 14.75 -7.47
CA ARG C 82 28.78 14.92 -6.85
C ARG C 82 28.11 13.57 -6.59
N GLY C 83 27.92 12.81 -7.66
CA GLY C 83 27.27 11.51 -7.59
C GLY C 83 27.93 10.55 -6.62
N LEU C 84 29.17 10.84 -6.26
CA LEU C 84 29.87 10.08 -5.24
C LEU C 84 29.33 10.46 -3.85
N THR C 85 29.35 11.76 -3.55
CA THR C 85 28.84 12.23 -2.27
C THR C 85 27.33 12.05 -2.18
N LEU C 86 26.68 11.92 -3.32
CA LEU C 86 25.25 11.60 -3.37
C LEU C 86 25.00 10.17 -2.92
N GLN C 87 25.74 9.23 -3.52
CA GLN C 87 25.61 7.82 -3.17
C GLN C 87 25.93 7.57 -1.70
N GLU C 88 26.79 8.40 -1.14
CA GLU C 88 27.09 8.35 0.28
C GLU C 88 25.83 8.67 1.09
N LYS C 89 25.19 9.78 0.75
CA LYS C 89 23.94 10.19 1.39
C LYS C 89 22.87 9.10 1.28
N ALA C 90 22.77 8.50 0.11
CA ALA C 90 21.81 7.43 -0.15
C ALA C 90 22.02 6.27 0.81
N ALA C 91 23.27 6.05 1.21
CA ALA C 91 23.61 4.96 2.11
C ALA C 91 23.27 5.33 3.55
N GLY C 92 23.56 6.58 3.93
CA GLY C 92 23.26 7.06 5.26
C GLY C 92 21.77 7.04 5.51
N ILE C 93 21.00 7.34 4.47
CA ILE C 93 19.54 7.27 4.52
C ILE C 93 19.08 5.82 4.65
N GLN C 94 19.64 4.96 3.81
CA GLN C 94 19.29 3.55 3.79
C GLN C 94 19.59 2.89 5.14
N ASP C 95 20.61 3.40 5.83
CA ASP C 95 21.02 2.85 7.11
C ASP C 95 20.03 3.20 8.22
N VAL C 96 19.61 4.46 8.28
CA VAL C 96 18.62 4.91 9.25
C VAL C 96 17.33 4.11 9.08
N THR C 97 17.02 3.76 7.83
CA THR C 97 15.93 2.84 7.53
C THR C 97 16.13 1.52 8.25
N TYR C 98 17.36 1.00 8.21
CA TYR C 98 17.67 -0.26 8.88
C TYR C 98 17.58 -0.14 10.39
N GLN C 99 18.03 0.98 10.94
CA GLN C 99 18.00 1.20 12.38
C GLN C 99 16.56 1.28 12.87
N THR C 100 15.68 1.80 12.00
CA THR C 100 14.25 1.83 12.28
C THR C 100 13.69 0.40 12.35
N ASP C 101 14.13 -0.44 11.42
CA ASP C 101 13.65 -1.81 11.33
C ASP C 101 13.98 -2.63 12.57
N GLN C 102 15.19 -2.46 13.09
CA GLN C 102 15.59 -3.11 14.34
C GLN C 102 14.62 -2.73 15.46
N GLN C 103 14.14 -1.48 15.44
CA GLN C 103 13.19 -1.01 16.45
C GLN C 103 11.79 -1.53 16.18
N THR C 104 11.50 -1.84 14.92
CA THR C 104 10.20 -2.31 14.51
C THR C 104 10.03 -3.78 14.89
N LEU C 105 11.13 -4.53 14.83
CA LEU C 105 11.12 -5.95 15.20
C LEU C 105 11.00 -6.12 16.72
N ILE C 106 11.60 -5.21 17.48
CA ILE C 106 11.41 -5.21 18.93
C ILE C 106 9.93 -4.98 19.23
N LEU C 107 9.35 -4.01 18.54
CA LEU C 107 7.96 -3.63 18.74
C LEU C 107 6.99 -4.72 18.30
N ASN C 108 7.18 -5.25 17.10
CA ASN C 108 6.24 -6.24 16.56
C ASN C 108 6.39 -7.62 17.20
N THR C 109 7.48 -7.85 17.93
CA THR C 109 7.60 -9.06 18.73
C THR C 109 6.86 -8.85 20.04
N ALA C 110 7.00 -7.65 20.59
CA ALA C 110 6.33 -7.26 21.81
C ALA C 110 4.81 -7.39 21.68
N ASN C 111 4.27 -6.84 20.61
CA ASN C 111 2.83 -6.94 20.34
C ASN C 111 2.38 -8.38 20.15
N ALA C 112 3.08 -9.10 19.27
CA ALA C 112 2.76 -10.49 18.97
C ALA C 112 2.77 -11.35 20.22
N TYR C 113 3.74 -11.08 21.10
CA TYR C 113 3.91 -11.85 22.33
C TYR C 113 2.79 -11.56 23.33
N PHE C 114 2.42 -10.28 23.46
CA PHE C 114 1.38 -9.90 24.40
C PHE C 114 -0.01 -10.20 23.87
N LYS C 115 -0.13 -10.35 22.55
CA LYS C 115 -1.39 -10.69 21.92
C LYS C 115 -1.78 -12.13 22.28
N VAL C 116 -0.76 -12.99 22.45
CA VAL C 116 -0.99 -14.37 22.83
C VAL C 116 -1.54 -14.49 24.25
N LEU C 117 -0.91 -13.78 25.19
CA LEU C 117 -1.36 -13.76 26.57
C LEU C 117 -2.80 -13.26 26.67
N ASN C 118 -3.05 -12.10 26.06
CA ASN C 118 -4.39 -11.53 25.95
C ASN C 118 -5.39 -12.55 25.42
N ALA C 119 -4.92 -13.40 24.51
CA ALA C 119 -5.75 -14.42 23.90
C ALA C 119 -6.00 -15.60 24.84
N ILE C 120 -5.12 -15.78 25.83
CA ILE C 120 -5.29 -16.84 26.81
C ILE C 120 -6.23 -16.38 27.93
N ASP C 121 -6.01 -15.16 28.40
CA ASP C 121 -6.89 -14.54 29.39
C ASP C 121 -8.33 -14.64 28.95
N VAL C 122 -8.58 -14.16 27.73
CA VAL C 122 -9.91 -14.20 27.13
C VAL C 122 -10.45 -15.64 27.06
N LEU C 123 -9.59 -16.61 26.82
CA LEU C 123 -10.04 -18.00 26.79
C LEU C 123 -10.25 -18.55 28.21
N SER C 124 -9.37 -18.18 29.13
CA SER C 124 -9.52 -18.57 30.53
C SER C 124 -10.85 -18.08 31.09
N TYR C 125 -11.13 -16.80 30.89
CA TYR C 125 -12.32 -16.17 31.45
C TYR C 125 -13.60 -16.61 30.76
N THR C 126 -13.54 -16.91 29.47
CA THR C 126 -14.70 -17.42 28.74
C THR C 126 -14.98 -18.86 29.16
N GLN C 127 -13.93 -19.65 29.34
CA GLN C 127 -14.06 -21.00 29.88
C GLN C 127 -14.60 -20.96 31.30
N ALA C 128 -14.02 -20.09 32.11
CA ALA C 128 -14.48 -19.89 33.49
C ALA C 128 -15.97 -19.59 33.52
N GLN C 129 -16.38 -18.59 32.73
CA GLN C 129 -17.78 -18.21 32.60
C GLN C 129 -18.64 -19.40 32.21
N LYS C 130 -18.16 -20.21 31.28
CA LYS C 130 -18.90 -21.36 30.78
C LYS C 130 -19.27 -22.33 31.89
N GLU C 131 -18.38 -22.48 32.86
CA GLU C 131 -18.61 -23.41 33.95
C GLU C 131 -19.40 -22.76 35.07
N ALA C 132 -19.33 -21.43 35.14
CA ALA C 132 -20.16 -20.67 36.05
C ALA C 132 -21.62 -20.77 35.60
N ILE C 133 -21.81 -20.96 34.30
CA ILE C 133 -23.14 -21.20 33.74
C ILE C 133 -23.53 -22.65 33.94
N TYR C 134 -22.55 -23.56 33.89
CA TYR C 134 -22.86 -24.97 33.99
C TYR C 134 -23.31 -25.40 35.38
N ARG C 135 -22.78 -24.77 36.42
CA ARG C 135 -23.19 -25.10 37.78
C ARG C 135 -24.63 -24.67 38.03
N GLN C 136 -24.98 -23.49 37.53
CA GLN C 136 -26.33 -22.96 37.71
C GLN C 136 -27.35 -23.76 36.91
N LEU C 137 -26.94 -24.30 35.76
CA LEU C 137 -27.80 -25.16 34.96
C LEU C 137 -27.94 -26.51 35.66
N ASP C 138 -26.82 -27.07 36.08
CA ASP C 138 -26.77 -28.38 36.72
C ASP C 138 -27.65 -28.42 37.96
N GLN C 139 -27.37 -27.54 38.92
CA GLN C 139 -28.13 -27.49 40.17
C GLN C 139 -29.60 -27.17 39.93
N THR C 140 -29.89 -26.50 38.82
CA THR C 140 -31.26 -26.17 38.47
C THR C 140 -31.98 -27.42 37.93
N THR C 141 -31.28 -28.20 37.12
CA THR C 141 -31.82 -29.48 36.66
C THR C 141 -32.07 -30.40 37.85
N GLN C 142 -31.20 -30.29 38.86
CA GLN C 142 -31.39 -31.02 40.10
C GLN C 142 -32.70 -30.60 40.75
N ARG C 143 -32.82 -29.30 41.02
CA ARG C 143 -34.02 -28.73 41.61
C ARG C 143 -35.27 -29.07 40.79
N PHE C 144 -35.09 -29.26 39.49
CA PHE C 144 -36.21 -29.56 38.60
C PHE C 144 -36.57 -31.03 38.55
N ASN C 145 -35.57 -31.90 38.54
CA ASN C 145 -35.81 -33.34 38.45
C ASN C 145 -36.53 -33.88 39.68
N VAL C 146 -36.64 -33.05 40.71
CA VAL C 146 -37.40 -33.40 41.91
C VAL C 146 -38.54 -32.41 42.11
N GLY C 147 -38.60 -31.40 41.24
CA GLY C 147 -39.75 -30.51 41.18
C GLY C 147 -39.72 -29.31 42.12
N LEU C 148 -38.54 -28.73 42.32
CA LEU C 148 -38.43 -27.54 43.16
C LEU C 148 -38.37 -26.27 42.31
N VAL C 149 -38.06 -26.43 41.03
CA VAL C 149 -38.14 -25.32 40.08
C VAL C 149 -38.96 -25.74 38.87
N ALA C 150 -39.55 -24.76 38.19
CA ALA C 150 -40.29 -25.01 36.95
C ALA C 150 -39.30 -25.22 35.80
N ILE C 151 -39.75 -25.89 34.74
CA ILE C 151 -38.87 -26.26 33.63
C ILE C 151 -38.32 -25.04 32.89
N THR C 152 -39.02 -23.93 32.99
CA THR C 152 -38.63 -22.72 32.28
C THR C 152 -37.30 -22.17 32.79
N ASP C 153 -36.98 -22.44 34.05
CA ASP C 153 -35.72 -22.01 34.62
C ASP C 153 -34.56 -22.88 34.12
N VAL C 154 -34.91 -24.05 33.60
CA VAL C 154 -33.94 -24.97 33.03
C VAL C 154 -33.63 -24.57 31.58
N GLN C 155 -34.68 -24.27 30.83
CA GLN C 155 -34.55 -23.97 29.40
C GLN C 155 -34.02 -22.56 29.15
N ASN C 156 -34.25 -21.66 30.08
CA ASN C 156 -33.63 -20.33 30.03
C ASN C 156 -32.13 -20.44 30.27
N ALA C 157 -31.75 -21.30 31.22
CA ALA C 157 -30.36 -21.50 31.60
C ALA C 157 -29.57 -22.24 30.53
N ARG C 158 -30.23 -23.17 29.86
CA ARG C 158 -29.59 -23.97 28.82
C ARG C 158 -29.16 -23.09 27.64
N ALA C 159 -29.95 -22.04 27.39
CA ALA C 159 -29.68 -21.11 26.30
C ALA C 159 -28.39 -20.33 26.52
N GLN C 160 -28.34 -19.59 27.63
CA GLN C 160 -27.17 -18.81 28.01
C GLN C 160 -25.90 -19.66 27.97
N TYR C 161 -26.04 -20.94 28.27
CA TYR C 161 -24.94 -21.88 28.20
C TYR C 161 -24.46 -22.06 26.77
N ASP C 162 -25.39 -22.14 25.83
CA ASP C 162 -25.06 -22.42 24.44
C ASP C 162 -24.49 -21.22 23.69
N THR C 163 -24.85 -20.01 24.11
CA THR C 163 -24.33 -18.81 23.47
C THR C 163 -22.92 -18.50 23.99
N VAL C 164 -22.64 -18.94 25.22
CA VAL C 164 -21.29 -18.84 25.77
C VAL C 164 -20.44 -19.97 25.18
N LEU C 165 -21.07 -21.11 24.92
CA LEU C 165 -20.37 -22.26 24.35
C LEU C 165 -19.83 -21.92 22.96
N ALA C 166 -20.64 -21.21 22.18
CA ALA C 166 -20.23 -20.74 20.87
C ALA C 166 -19.14 -19.68 21.01
N ASN C 167 -19.38 -18.73 21.92
CA ASN C 167 -18.41 -17.69 22.26
C ASN C 167 -17.02 -18.23 22.54
N GLU C 168 -16.97 -19.48 22.99
CA GLU C 168 -15.71 -20.13 23.34
C GLU C 168 -15.00 -20.70 22.12
N VAL C 169 -15.77 -21.13 21.14
CA VAL C 169 -15.20 -21.69 19.91
C VAL C 169 -14.38 -20.61 19.19
N THR C 170 -14.84 -19.36 19.25
CA THR C 170 -14.09 -18.24 18.70
C THR C 170 -12.84 -17.95 19.51
N ALA C 171 -13.03 -17.68 20.81
CA ALA C 171 -11.92 -17.36 21.71
C ALA C 171 -10.81 -18.41 21.65
N ARG C 172 -11.20 -19.65 21.39
CA ARG C 172 -10.26 -20.74 21.17
C ARG C 172 -9.44 -20.48 19.91
N ASN C 173 -10.14 -20.31 18.79
CA ASN C 173 -9.55 -20.11 17.48
C ASN C 173 -8.62 -18.91 17.41
N ASN C 174 -8.97 -17.85 18.14
CA ASN C 174 -8.17 -16.63 18.15
C ASN C 174 -6.81 -16.84 18.82
N LEU C 175 -6.74 -17.81 19.73
CA LEU C 175 -5.50 -18.13 20.42
C LEU C 175 -4.59 -18.92 19.48
N ASP C 176 -5.20 -19.83 18.72
CA ASP C 176 -4.49 -20.53 17.66
C ASP C 176 -3.84 -19.53 16.72
N ASN C 177 -4.68 -18.72 16.08
CA ASN C 177 -4.23 -17.75 15.09
C ASN C 177 -3.29 -16.68 15.66
N ALA C 178 -3.27 -16.54 16.98
CA ALA C 178 -2.35 -15.61 17.62
C ALA C 178 -0.94 -16.21 17.70
N VAL C 179 -0.89 -17.47 18.11
CA VAL C 179 0.36 -18.22 18.18
C VAL C 179 0.95 -18.39 16.79
N GLU C 180 0.08 -18.50 15.79
CA GLU C 180 0.52 -18.63 14.41
C GLU C 180 1.09 -17.33 13.86
N GLU C 181 0.47 -16.21 14.24
CA GLU C 181 1.00 -14.90 13.87
C GLU C 181 2.37 -14.68 14.51
N LEU C 182 2.46 -15.00 15.80
CA LEU C 182 3.71 -14.91 16.54
C LEU C 182 4.82 -15.71 15.88
N ARG C 183 4.46 -16.90 15.43
CA ARG C 183 5.41 -17.77 14.74
C ARG C 183 5.92 -17.12 13.47
N GLN C 184 5.07 -16.35 12.81
CA GLN C 184 5.46 -15.66 11.58
C GLN C 184 6.48 -14.57 11.89
N VAL C 185 6.29 -13.92 13.04
CA VAL C 185 7.18 -12.85 13.48
C VAL C 185 8.55 -13.41 13.87
N THR C 186 8.54 -14.57 14.53
CA THR C 186 9.76 -15.10 15.14
C THR C 186 10.17 -16.47 14.60
N GLY C 187 9.51 -16.92 13.53
CA GLY C 187 9.85 -18.19 12.90
C GLY C 187 9.57 -19.43 13.73
N ASN C 188 9.09 -19.23 14.96
CA ASN C 188 9.02 -20.33 15.92
C ASN C 188 7.66 -20.55 16.56
N TYR C 189 7.34 -21.82 16.81
CA TYR C 189 6.16 -22.18 17.59
C TYR C 189 6.51 -22.20 19.07
N TYR C 190 5.55 -21.80 19.90
CA TYR C 190 5.77 -21.74 21.33
C TYR C 190 4.65 -22.41 22.13
N PRO C 191 4.96 -23.54 22.78
CA PRO C 191 4.03 -24.32 23.59
C PRO C 191 3.63 -23.63 24.89
N GLU C 192 4.49 -22.73 25.38
CA GLU C 192 4.14 -21.91 26.54
C GLU C 192 5.03 -20.68 26.66
N LEU C 193 4.50 -19.63 27.28
CA LEU C 193 5.23 -18.38 27.48
C LEU C 193 5.10 -17.92 28.93
N ALA C 194 5.75 -16.80 29.26
CA ALA C 194 5.70 -16.27 30.62
C ALA C 194 4.50 -15.35 30.81
N SER C 195 3.60 -15.72 31.71
CA SER C 195 2.39 -14.94 31.97
C SER C 195 2.71 -13.58 32.57
N LEU C 196 1.72 -12.71 32.57
CA LEU C 196 1.83 -11.42 33.24
C LEU C 196 1.60 -11.60 34.72
N ASN C 197 2.54 -11.11 35.54
CA ASN C 197 2.38 -11.20 36.98
C ASN C 197 1.52 -10.06 37.49
N VAL C 198 0.25 -10.36 37.71
CA VAL C 198 -0.76 -9.37 38.11
C VAL C 198 -0.40 -8.70 39.43
N GLU C 199 0.21 -9.46 40.33
CA GLU C 199 0.58 -8.93 41.65
C GLU C 199 1.84 -8.10 41.58
N HIS C 200 2.82 -8.56 40.80
CA HIS C 200 4.02 -7.76 40.53
C HIS C 200 3.76 -6.72 39.44
N PHE C 201 2.55 -6.18 39.39
CA PHE C 201 2.21 -5.20 38.37
C PHE C 201 1.86 -3.85 38.98
N LYS C 202 2.51 -2.80 38.48
CA LYS C 202 2.25 -1.44 38.91
C LYS C 202 2.24 -0.51 37.71
N THR C 203 1.45 0.56 37.79
CA THR C 203 1.36 1.52 36.70
C THR C 203 1.96 2.87 37.08
N ASP C 204 2.82 3.39 36.22
CA ASP C 204 3.47 4.67 36.47
C ASP C 204 3.01 5.76 35.53
N LYS C 205 2.89 6.97 36.06
CA LYS C 205 2.65 8.17 35.27
C LYS C 205 3.78 8.32 34.24
N PRO C 206 3.43 8.74 33.02
CA PRO C 206 4.45 9.00 32.01
C PRO C 206 5.01 10.42 32.11
N LYS C 207 6.16 10.65 31.50
CA LYS C 207 6.78 11.97 31.44
C LYS C 207 5.81 13.00 30.84
N ALA C 208 6.02 14.27 31.14
CA ALA C 208 5.17 15.34 30.60
C ALA C 208 5.23 15.34 29.08
N VAL C 209 4.09 15.54 28.43
CA VAL C 209 3.99 15.31 26.99
C VAL C 209 4.84 16.26 26.16
N ASN C 210 5.09 17.47 26.67
CA ASN C 210 5.94 18.43 25.95
C ASN C 210 7.41 18.07 26.07
N ALA C 211 7.74 17.33 27.12
CA ALA C 211 9.10 16.82 27.28
C ALA C 211 9.32 15.69 26.26
N LEU C 212 8.35 14.80 26.15
CA LEU C 212 8.44 13.68 25.21
C LEU C 212 8.55 14.14 23.76
N LEU C 213 7.89 15.25 23.43
CA LEU C 213 7.91 15.78 22.07
C LEU C 213 9.30 16.23 21.63
N LYS C 214 9.92 17.09 22.44
CA LYS C 214 11.25 17.58 22.15
C LYS C 214 12.27 16.44 22.18
N GLU C 215 12.03 15.48 23.07
CA GLU C 215 12.81 14.23 23.10
C GLU C 215 12.62 13.50 21.78
N ALA C 216 11.36 13.36 21.37
CA ALA C 216 11.03 12.74 20.10
C ALA C 216 11.55 13.59 18.95
N GLU C 217 11.62 14.91 19.13
CA GLU C 217 12.02 15.79 18.04
C GLU C 217 13.49 15.61 17.66
N ASN C 218 14.31 15.19 18.63
CA ASN C 218 15.74 15.05 18.41
C ASN C 218 16.21 13.61 18.25
N ARG C 219 15.34 12.66 18.58
CA ARG C 219 15.74 11.26 18.60
C ARG C 219 14.97 10.37 17.60
N ASN C 220 13.86 10.88 17.06
CA ASN C 220 12.98 10.05 16.23
C ASN C 220 13.65 9.62 14.92
N LEU C 221 13.73 8.31 14.73
CA LEU C 221 14.38 7.74 13.56
C LEU C 221 13.62 8.01 12.26
N SER C 222 12.29 8.02 12.33
CA SER C 222 11.49 8.40 11.18
C SER C 222 11.76 9.86 10.80
N LEU C 223 11.98 10.69 11.82
CA LEU C 223 12.21 12.11 11.62
C LEU C 223 13.60 12.38 11.05
N LEU C 224 14.60 11.72 11.62
CA LEU C 224 16.00 11.85 11.18
C LEU C 224 16.13 11.53 9.70
N GLN C 225 15.48 10.45 9.28
CA GLN C 225 15.50 9.99 7.90
C GLN C 225 14.97 11.04 6.93
N ALA C 226 13.80 11.57 7.25
CA ALA C 226 13.15 12.57 6.42
C ALA C 226 14.01 13.83 6.28
N ARG C 227 14.82 14.11 7.30
CA ARG C 227 15.76 15.23 7.23
C ARG C 227 16.91 14.93 6.27
N LEU C 228 17.40 13.69 6.31
CA LEU C 228 18.51 13.29 5.46
C LEU C 228 18.09 13.13 4.01
N SER C 229 16.79 12.95 3.78
CA SER C 229 16.25 12.84 2.42
C SER C 229 15.93 14.23 1.85
N GLN C 230 15.56 15.16 2.73
CA GLN C 230 15.43 16.56 2.36
C GLN C 230 16.80 17.12 2.03
N ASP C 231 17.77 16.77 2.88
CA ASP C 231 19.18 17.13 2.68
C ASP C 231 19.71 16.49 1.41
N LEU C 232 19.25 15.26 1.13
CA LEU C 232 19.63 14.55 -0.08
C LEU C 232 19.11 15.30 -1.31
N ALA C 233 17.83 15.65 -1.27
CA ALA C 233 17.19 16.36 -2.36
C ALA C 233 17.86 17.71 -2.60
N ARG C 234 18.26 18.36 -1.50
CA ARG C 234 19.02 19.61 -1.55
C ARG C 234 20.25 19.45 -2.42
N GLU C 235 20.96 18.33 -2.25
CA GLU C 235 22.18 18.05 -2.98
C GLU C 235 21.93 17.89 -4.48
N GLN C 236 20.85 17.22 -4.82
CA GLN C 236 20.52 16.95 -6.22
C GLN C 236 20.25 18.22 -7.01
N ILE C 237 19.95 19.31 -6.32
CA ILE C 237 19.95 20.62 -6.95
C ILE C 237 21.36 20.91 -7.44
N ARG C 238 22.31 20.85 -6.52
CA ARG C 238 23.70 21.15 -6.82
C ARG C 238 24.27 20.21 -7.89
N GLN C 239 23.79 18.96 -7.91
CA GLN C 239 24.18 18.03 -8.95
C GLN C 239 23.67 18.51 -10.30
N ALA C 240 22.40 18.92 -10.31
CA ALA C 240 21.78 19.41 -11.53
C ALA C 240 22.45 20.71 -11.98
N GLN C 241 23.01 21.43 -11.01
CA GLN C 241 23.64 22.72 -11.29
C GLN C 241 25.04 22.59 -11.90
N ASP C 242 25.69 21.45 -11.68
CA ASP C 242 27.03 21.23 -12.22
C ASP C 242 26.98 20.87 -13.70
N GLY C 243 25.80 21.04 -14.31
CA GLY C 243 25.65 20.84 -15.73
C GLY C 243 26.06 22.07 -16.51
N HIS C 244 26.34 23.16 -15.80
CA HIS C 244 26.83 24.38 -16.42
C HIS C 244 28.35 24.42 -16.41
N LEU C 245 28.95 23.49 -15.68
CA LEU C 245 30.40 23.46 -15.48
C LEU C 245 31.14 22.65 -16.55
N PRO C 246 32.44 22.94 -16.76
CA PRO C 246 33.26 22.25 -17.76
C PRO C 246 33.95 20.98 -17.25
N THR C 247 34.23 20.07 -18.17
CA THR C 247 34.93 18.84 -17.85
C THR C 247 36.40 18.93 -18.27
N LEU C 248 37.30 18.37 -17.46
CA LEU C 248 38.71 18.31 -17.84
C LEU C 248 39.23 16.88 -17.75
N ASN C 249 39.38 16.25 -18.91
CA ASN C 249 39.87 14.87 -18.98
C ASN C 249 41.35 14.77 -19.32
N LEU C 250 42.02 13.81 -18.71
CA LEU C 250 43.37 13.44 -19.08
C LEU C 250 43.32 12.13 -19.86
N THR C 251 43.97 12.08 -21.02
CA THR C 251 43.97 10.87 -21.82
C THR C 251 45.39 10.45 -22.19
N ALA C 252 45.54 9.18 -22.56
CA ALA C 252 46.84 8.62 -22.92
C ALA C 252 46.69 7.27 -23.62
N SER C 253 47.35 7.10 -24.75
CA SER C 253 47.28 5.86 -25.51
C SER C 253 48.66 5.32 -25.88
N THR C 254 48.68 4.07 -26.35
CA THR C 254 49.92 3.39 -26.75
C THR C 254 49.58 2.22 -27.68
N GLY C 255 49.63 2.46 -28.99
CA GLY C 255 49.20 1.45 -29.94
C GLY C 255 49.89 1.35 -31.29
N ILE C 256 50.23 0.12 -31.66
CA ILE C 256 50.74 -0.19 -32.99
C ILE C 256 49.65 -0.01 -34.06
N SER C 257 50.02 -0.29 -35.32
CA SER C 257 49.13 -0.19 -36.48
C SER C 257 50.04 -0.73 -37.59
N ASP C 258 49.50 -1.62 -38.42
CA ASP C 258 50.13 -2.11 -39.64
C ASP C 258 49.16 -2.10 -40.84
N THR C 259 49.13 -0.98 -41.56
CA THR C 259 48.32 -0.83 -42.77
C THR C 259 49.17 -1.18 -43.99
N SER C 260 48.70 -2.17 -44.75
CA SER C 260 49.41 -2.58 -45.96
C SER C 260 48.46 -2.65 -47.15
N TYR C 261 48.62 -1.71 -48.08
CA TYR C 261 47.67 -1.56 -49.18
C TYR C 261 47.76 -2.69 -50.21
N SER C 262 46.83 -2.64 -51.16
CA SER C 262 46.72 -3.62 -52.24
C SER C 262 45.83 -3.06 -53.33
N GLY C 263 45.95 -3.59 -54.54
CA GLY C 263 45.10 -3.14 -55.63
C GLY C 263 45.84 -2.76 -56.89
N SER C 264 45.13 -2.19 -57.86
CA SER C 264 45.71 -1.91 -59.16
C SER C 264 46.07 -0.43 -59.34
N LYS C 265 45.51 0.43 -58.51
CA LYS C 265 45.86 1.85 -58.55
C LYS C 265 46.65 2.24 -57.31
N THR C 266 47.10 1.23 -56.57
CA THR C 266 48.11 1.43 -55.54
C THR C 266 49.47 1.35 -56.20
N ASN C 267 49.80 2.37 -57.00
CA ASN C 267 51.06 2.41 -57.73
C ASN C 267 52.00 3.42 -57.10
N SER C 268 51.48 4.61 -56.82
CA SER C 268 52.27 5.69 -56.24
C SER C 268 52.74 5.38 -54.82
N THR C 269 53.32 6.38 -54.17
CA THR C 269 53.86 6.18 -52.82
C THR C 269 52.87 6.58 -51.73
N GLN C 270 51.63 6.85 -52.12
CA GLN C 270 50.55 6.95 -51.15
C GLN C 270 50.37 5.55 -50.56
N TYR C 271 50.27 4.59 -51.45
CA TYR C 271 50.48 3.19 -51.11
C TYR C 271 51.91 2.71 -50.87
N ASP C 272 52.07 1.92 -49.79
CA ASP C 272 53.21 1.14 -49.37
C ASP C 272 52.65 0.55 -48.12
N ASP C 273 53.40 -0.35 -47.47
CA ASP C 273 53.27 -0.77 -46.08
C ASP C 273 53.72 0.10 -44.92
N SER C 274 52.79 0.90 -44.43
CA SER C 274 53.03 1.75 -43.27
C SER C 274 52.68 1.03 -41.96
N ASN C 275 53.63 1.05 -41.03
CA ASN C 275 53.45 0.49 -39.70
C ASN C 275 53.54 1.57 -38.62
N MET C 276 52.73 2.62 -38.74
CA MET C 276 52.69 3.72 -37.77
C MET C 276 52.47 3.24 -36.34
N GLY C 277 53.51 3.28 -35.51
CA GLY C 277 53.34 3.12 -34.08
C GLY C 277 53.00 4.49 -33.55
N GLN C 278 52.60 4.58 -32.28
CA GLN C 278 52.28 5.89 -31.68
C GLN C 278 52.26 5.86 -30.16
N ASN C 279 52.32 7.05 -29.56
CA ASN C 279 52.35 7.22 -28.11
C ASN C 279 51.77 8.57 -27.71
N LYS C 280 50.54 8.57 -27.20
CA LYS C 280 49.82 9.83 -26.99
C LYS C 280 49.61 10.23 -25.53
N ILE C 281 49.53 11.54 -25.32
CA ILE C 281 49.08 12.12 -24.06
C ILE C 281 48.15 13.28 -24.38
N GLY C 282 46.88 13.16 -24.00
CA GLY C 282 45.92 14.17 -24.35
C GLY C 282 45.40 14.99 -23.18
N LEU C 283 44.79 16.13 -23.51
CA LEU C 283 44.01 16.90 -22.57
C LEU C 283 42.72 17.37 -23.25
N ASN C 284 41.69 16.53 -23.18
CA ASN C 284 40.40 16.93 -23.74
C ASN C 284 39.66 17.75 -22.69
N PHE C 285 39.01 18.80 -23.19
CA PHE C 285 38.32 19.77 -22.35
C PHE C 285 36.97 20.05 -22.98
N SER C 286 35.91 19.96 -22.18
CA SER C 286 34.57 20.22 -22.69
C SER C 286 33.84 21.21 -21.78
N LEU C 287 33.07 22.09 -22.40
CA LEU C 287 32.31 23.10 -21.68
C LEU C 287 31.09 23.50 -22.51
N PRO C 288 29.89 23.16 -22.01
CA PRO C 288 28.66 23.46 -22.75
C PRO C 288 28.23 24.91 -22.59
N LEU C 289 27.74 25.51 -23.67
CA LEU C 289 27.26 26.88 -23.62
C LEU C 289 25.74 26.95 -23.48
N TYR C 290 25.05 26.08 -24.21
CA TYR C 290 23.59 26.11 -24.25
C TYR C 290 23.02 24.81 -24.82
N GLN C 291 22.12 24.16 -24.08
CA GLN C 291 21.57 22.88 -24.49
C GLN C 291 20.04 22.91 -24.56
N GLY C 292 19.50 23.92 -25.24
CA GLY C 292 18.07 24.06 -25.42
C GLY C 292 17.29 24.37 -24.16
N GLY C 293 17.99 24.88 -23.14
CA GLY C 293 17.38 25.23 -21.88
C GLY C 293 17.26 24.06 -20.92
N MET C 294 18.08 23.03 -21.13
CA MET C 294 17.99 21.81 -20.34
C MET C 294 18.40 22.00 -18.88
N VAL C 295 19.65 22.42 -18.66
CA VAL C 295 20.25 22.44 -17.33
C VAL C 295 19.45 23.29 -16.34
N ASN C 296 18.93 24.41 -16.82
CA ASN C 296 18.05 25.24 -16.00
C ASN C 296 16.74 24.54 -15.71
N SER C 297 16.17 23.92 -16.74
CA SER C 297 14.94 23.14 -16.59
C SER C 297 15.16 21.98 -15.63
N GLN C 298 16.36 21.41 -15.66
CA GLN C 298 16.72 20.33 -14.76
C GLN C 298 16.86 20.84 -13.32
N VAL C 299 17.36 22.06 -13.18
CA VAL C 299 17.55 22.65 -11.86
C VAL C 299 16.21 23.04 -11.24
N LYS C 300 15.33 23.62 -12.05
CA LYS C 300 14.01 24.02 -11.57
C LYS C 300 13.20 22.81 -11.14
N GLN C 301 13.43 21.67 -11.78
CA GLN C 301 12.82 20.41 -11.38
C GLN C 301 13.37 19.99 -10.02
N ALA C 302 14.67 20.15 -9.86
CA ALA C 302 15.37 19.71 -8.65
C ALA C 302 15.00 20.56 -7.45
N GLN C 303 14.58 21.80 -7.72
CA GLN C 303 14.16 22.70 -6.65
C GLN C 303 12.75 22.41 -6.18
N TYR C 304 11.89 22.02 -7.11
CA TYR C 304 10.53 21.62 -6.78
C TYR C 304 10.55 20.32 -5.97
N ASN C 305 11.49 19.45 -6.31
CA ASN C 305 11.68 18.22 -5.56
C ASN C 305 12.19 18.51 -4.16
N PHE C 306 12.93 19.62 -4.00
CA PHE C 306 13.41 19.99 -2.67
C PHE C 306 12.25 20.48 -1.81
N VAL C 307 11.34 21.25 -2.40
CA VAL C 307 10.14 21.66 -1.71
C VAL C 307 9.37 20.40 -1.31
N GLY C 308 9.30 19.46 -2.23
CA GLY C 308 8.60 18.20 -1.99
C GLY C 308 9.16 17.47 -0.79
N ALA C 309 10.47 17.25 -0.81
CA ALA C 309 11.15 16.57 0.29
C ALA C 309 11.06 17.39 1.58
N SER C 310 10.93 18.70 1.45
CA SER C 310 10.75 19.57 2.60
C SER C 310 9.35 19.40 3.19
N GLU C 311 8.36 19.16 2.33
CA GLU C 311 7.00 18.94 2.79
C GLU C 311 6.82 17.52 3.32
N GLN C 312 7.58 16.58 2.74
CA GLN C 312 7.62 15.21 3.26
C GLN C 312 8.24 15.21 4.66
N LEU C 313 9.07 16.21 4.92
CA LEU C 313 9.66 16.39 6.24
C LEU C 313 8.57 16.80 7.25
N GLU C 314 7.77 17.79 6.87
CA GLU C 314 6.69 18.27 7.74
C GLU C 314 5.69 17.15 8.05
N SER C 315 5.39 16.35 7.03
CA SER C 315 4.53 15.18 7.20
C SER C 315 5.08 14.25 8.27
N ALA C 316 6.37 13.93 8.15
CA ALA C 316 7.04 13.08 9.12
C ALA C 316 7.00 13.70 10.50
N HIS C 317 7.03 15.03 10.57
CA HIS C 317 6.94 15.72 11.85
C HIS C 317 5.55 15.64 12.44
N ARG C 318 4.54 15.99 11.64
CA ARG C 318 3.16 15.96 12.10
C ARG C 318 2.75 14.56 12.55
N SER C 319 3.36 13.56 11.95
CA SER C 319 3.07 12.17 12.28
C SER C 319 3.72 11.72 13.59
N VAL C 320 4.80 12.37 13.98
CA VAL C 320 5.46 12.07 15.25
C VAL C 320 4.67 12.69 16.41
N VAL C 321 4.30 13.95 16.24
CA VAL C 321 3.51 14.66 17.24
C VAL C 321 2.18 13.95 17.49
N GLN C 322 1.57 13.45 16.42
CA GLN C 322 0.35 12.68 16.56
C GLN C 322 0.61 11.38 17.32
N THR C 323 1.71 10.72 16.99
CA THR C 323 2.04 9.44 17.60
C THR C 323 2.43 9.60 19.07
N VAL C 324 3.23 10.62 19.37
CA VAL C 324 3.67 10.85 20.76
C VAL C 324 2.51 11.31 21.65
N ARG C 325 1.72 12.27 21.16
CA ARG C 325 0.61 12.80 21.93
C ARG C 325 -0.48 11.76 22.15
N SER C 326 -0.82 11.00 21.11
CA SER C 326 -1.86 9.98 21.23
C SER C 326 -1.41 8.85 22.13
N SER C 327 -0.16 8.43 21.97
CA SER C 327 0.39 7.35 22.78
C SER C 327 0.59 7.80 24.22
N PHE C 328 0.66 9.12 24.42
CA PHE C 328 0.67 9.69 25.77
C PHE C 328 -0.71 9.52 26.38
N ASN C 329 -1.73 9.97 25.65
CA ASN C 329 -3.12 9.89 26.08
C ASN C 329 -3.57 8.49 26.48
N ASN C 330 -3.06 7.49 25.77
CA ASN C 330 -3.47 6.10 25.99
C ASN C 330 -2.81 5.48 27.22
N ILE C 331 -1.65 6.00 27.60
CA ILE C 331 -1.03 5.61 28.87
C ILE C 331 -1.92 6.04 30.01
N ASN C 332 -2.39 7.28 29.94
CA ASN C 332 -3.23 7.86 30.97
C ASN C 332 -4.65 7.32 30.93
N ALA C 333 -5.02 6.72 29.80
CA ALA C 333 -6.34 6.12 29.65
C ALA C 333 -6.30 4.61 29.80
N SER C 334 -5.08 4.08 29.95
CA SER C 334 -4.89 2.69 30.32
C SER C 334 -4.93 2.59 31.85
N ILE C 335 -4.15 3.46 32.49
CA ILE C 335 -4.12 3.57 33.94
C ILE C 335 -5.52 3.77 34.52
N SER C 336 -6.29 4.67 33.90
CA SER C 336 -7.64 4.95 34.35
C SER C 336 -8.60 3.78 34.09
N SER C 337 -8.32 3.01 33.04
CA SER C 337 -9.12 1.84 32.72
C SER C 337 -8.76 0.64 33.60
N ILE C 338 -7.48 0.53 33.94
CA ILE C 338 -7.01 -0.52 34.85
C ILE C 338 -7.61 -0.32 36.24
N ASN C 339 -7.74 0.94 36.64
CA ASN C 339 -8.37 1.30 37.90
C ASN C 339 -9.88 1.14 37.86
N ALA C 340 -10.48 1.43 36.72
CA ALA C 340 -11.94 1.40 36.59
C ALA C 340 -12.48 -0.01 36.37
N TYR C 341 -11.65 -0.89 35.84
CA TYR C 341 -12.05 -2.28 35.65
C TYR C 341 -11.75 -3.11 36.88
N LYS C 342 -10.69 -2.76 37.61
CA LYS C 342 -10.45 -3.35 38.92
C LYS C 342 -11.67 -3.15 39.81
N GLN C 343 -12.26 -1.96 39.72
CA GLN C 343 -13.43 -1.61 40.52
C GLN C 343 -14.69 -2.25 39.95
N ALA C 344 -14.73 -2.40 38.63
CA ALA C 344 -15.90 -2.96 37.96
C ALA C 344 -16.03 -4.45 38.24
N VAL C 345 -14.90 -5.14 38.38
CA VAL C 345 -14.90 -6.56 38.69
C VAL C 345 -15.29 -6.82 40.15
N VAL C 346 -14.97 -5.88 41.04
CA VAL C 346 -15.40 -5.97 42.43
C VAL C 346 -16.91 -5.84 42.50
N SER C 347 -17.46 -4.90 41.73
CA SER C 347 -18.89 -4.63 41.73
C SER C 347 -19.67 -5.69 40.95
N ALA C 348 -19.18 -6.05 39.78
CA ALA C 348 -19.84 -7.08 38.96
C ALA C 348 -19.91 -8.42 39.69
N GLN C 349 -18.88 -8.69 40.50
CA GLN C 349 -18.87 -9.86 41.37
C GLN C 349 -20.02 -9.78 42.38
N SER C 350 -19.91 -8.85 43.32
CA SER C 350 -20.86 -8.71 44.42
C SER C 350 -22.32 -8.66 43.97
N SER C 351 -22.54 -8.13 42.76
CA SER C 351 -23.87 -8.10 42.18
C SER C 351 -24.36 -9.52 41.88
N LEU C 352 -23.49 -10.33 41.27
CA LEU C 352 -23.80 -11.72 40.97
C LEU C 352 -24.17 -12.51 42.22
N ASP C 353 -23.50 -12.19 43.33
CA ASP C 353 -23.78 -12.84 44.61
C ASP C 353 -25.17 -12.50 45.13
N ALA C 354 -25.55 -11.23 45.00
CA ALA C 354 -26.86 -10.76 45.44
C ALA C 354 -27.96 -11.18 44.48
N MET C 355 -27.60 -11.35 43.22
CA MET C 355 -28.53 -11.86 42.22
C MET C 355 -28.96 -13.27 42.59
N GLU C 356 -27.99 -14.08 42.99
CA GLU C 356 -28.24 -15.46 43.38
C GLU C 356 -29.10 -15.54 44.64
N ALA C 357 -28.70 -14.80 45.66
CA ALA C 357 -29.48 -14.69 46.89
C ALA C 357 -30.88 -14.20 46.57
N GLY C 358 -30.96 -13.25 45.64
CA GLY C 358 -32.23 -12.71 45.18
C GLY C 358 -33.09 -13.77 44.50
N TYR C 359 -32.49 -14.50 43.56
CA TYR C 359 -33.14 -15.62 42.90
C TYR C 359 -33.63 -16.65 43.91
N SER C 360 -32.77 -16.92 44.90
CA SER C 360 -33.05 -17.92 45.92
C SER C 360 -34.30 -17.60 46.74
N VAL C 361 -34.60 -16.33 46.93
CA VAL C 361 -35.81 -15.95 47.66
C VAL C 361 -36.84 -15.28 46.75
N GLY C 362 -36.63 -15.43 45.45
CA GLY C 362 -37.65 -15.12 44.45
C GLY C 362 -37.84 -13.67 44.05
N THR C 363 -36.86 -12.83 44.37
CA THR C 363 -36.97 -11.42 43.98
C THR C 363 -36.26 -11.19 42.65
N ARG C 364 -35.47 -12.17 42.24
CA ARG C 364 -34.90 -12.19 40.89
C ARG C 364 -35.06 -13.61 40.35
N THR C 365 -34.61 -13.84 39.12
CA THR C 365 -34.74 -15.16 38.53
C THR C 365 -33.39 -15.66 38.01
N ILE C 366 -33.37 -16.89 37.51
CA ILE C 366 -32.17 -17.49 36.96
C ILE C 366 -31.62 -16.64 35.81
N VAL C 367 -32.49 -15.94 35.12
CA VAL C 367 -32.11 -15.13 33.97
C VAL C 367 -31.44 -13.83 34.43
N ASP C 368 -31.43 -13.61 35.74
CA ASP C 368 -30.71 -12.49 36.32
C ASP C 368 -29.36 -12.94 36.85
N VAL C 369 -29.36 -14.14 37.44
CA VAL C 369 -28.15 -14.74 37.92
C VAL C 369 -27.19 -14.97 36.76
N LEU C 370 -27.73 -15.40 35.64
CA LEU C 370 -26.95 -15.66 34.43
C LEU C 370 -26.52 -14.36 33.76
N ASP C 371 -27.40 -13.37 33.80
CA ASP C 371 -27.09 -12.05 33.25
C ASP C 371 -25.94 -11.39 33.99
N ALA C 372 -25.85 -11.65 35.29
CA ALA C 372 -24.81 -11.03 36.12
C ALA C 372 -23.49 -11.77 35.99
N THR C 373 -23.56 -13.07 35.71
CA THR C 373 -22.36 -13.87 35.47
C THR C 373 -21.64 -13.32 34.24
N THR C 374 -22.42 -12.89 33.25
CA THR C 374 -21.87 -12.39 32.00
C THR C 374 -21.16 -11.04 32.17
N THR C 375 -21.81 -10.09 32.83
CA THR C 375 -21.22 -8.77 33.05
C THR C 375 -19.99 -8.85 33.96
N LEU C 376 -19.85 -9.95 34.68
CA LEU C 376 -18.69 -10.16 35.54
C LEU C 376 -17.48 -10.62 34.75
N TYR C 377 -17.61 -11.75 34.06
CA TYR C 377 -16.52 -12.28 33.24
C TYR C 377 -16.28 -11.43 32.01
N ASP C 378 -17.13 -10.42 31.81
CA ASP C 378 -16.89 -9.39 30.83
C ASP C 378 -15.98 -8.33 31.44
N ALA C 379 -16.09 -8.13 32.75
CA ALA C 379 -15.27 -7.14 33.45
C ALA C 379 -13.86 -7.67 33.69
N LYS C 380 -13.75 -8.97 34.01
CA LYS C 380 -12.46 -9.62 34.12
C LYS C 380 -11.70 -9.52 32.80
N GLN C 381 -12.41 -9.71 31.70
CA GLN C 381 -11.82 -9.58 30.37
C GLN C 381 -11.36 -8.16 30.07
N GLN C 382 -12.26 -7.19 30.29
CA GLN C 382 -11.95 -5.79 30.06
C GLN C 382 -10.77 -5.32 30.92
N LEU C 383 -10.60 -5.96 32.07
CA LEU C 383 -9.49 -5.63 32.96
C LEU C 383 -8.18 -6.18 32.44
N ALA C 384 -8.12 -7.49 32.20
CA ALA C 384 -6.91 -8.15 31.72
C ALA C 384 -6.32 -7.43 30.52
N ASN C 385 -7.21 -6.95 29.65
CA ASN C 385 -6.82 -6.24 28.44
C ASN C 385 -6.22 -4.86 28.71
N ALA C 386 -6.76 -4.17 29.70
CA ALA C 386 -6.30 -2.83 30.06
C ALA C 386 -4.84 -2.86 30.50
N ARG C 387 -4.41 -4.00 31.04
CA ARG C 387 -3.02 -4.20 31.43
C ARG C 387 -2.13 -4.26 30.20
N TYR C 388 -2.47 -5.16 29.29
CA TYR C 388 -1.68 -5.37 28.09
C TYR C 388 -1.65 -4.13 27.20
N THR C 389 -2.78 -3.44 27.13
CA THR C 389 -2.87 -2.18 26.38
C THR C 389 -1.90 -1.15 26.96
N TYR C 390 -1.76 -1.14 28.28
CA TYR C 390 -0.83 -0.24 28.95
C TYR C 390 0.61 -0.54 28.58
N LEU C 391 1.01 -1.81 28.73
CA LEU C 391 2.37 -2.24 28.42
C LEU C 391 2.69 -1.99 26.95
N ILE C 392 1.74 -2.33 26.09
CA ILE C 392 1.90 -2.13 24.66
C ILE C 392 2.07 -0.66 24.31
N ASN C 393 1.23 0.19 24.90
CA ASN C 393 1.31 1.63 24.66
C ASN C 393 2.59 2.24 25.23
N GLN C 394 3.14 1.60 26.27
CA GLN C 394 4.41 2.06 26.84
C GLN C 394 5.55 1.90 25.85
N LEU C 395 5.44 0.90 24.98
CA LEU C 395 6.47 0.64 23.98
C LEU C 395 6.26 1.50 22.75
N ASN C 396 5.01 1.84 22.48
CA ASN C 396 4.68 2.73 21.36
C ASN C 396 5.34 4.10 21.53
N ILE C 397 5.46 4.54 22.79
CA ILE C 397 6.12 5.80 23.09
C ILE C 397 7.60 5.72 22.77
N LYS C 398 8.28 4.79 23.42
CA LYS C 398 9.73 4.64 23.30
C LYS C 398 10.18 4.36 21.86
N TYR C 399 9.27 3.81 21.06
CA TYR C 399 9.51 3.66 19.64
C TYR C 399 9.44 5.02 18.95
N ALA C 400 8.42 5.79 19.31
CA ALA C 400 8.19 7.12 18.73
C ALA C 400 9.33 8.06 19.09
N LEU C 401 9.99 7.80 20.22
CA LEU C 401 11.13 8.60 20.65
C LEU C 401 12.44 8.03 20.10
N GLY C 402 12.33 7.06 19.20
CA GLY C 402 13.49 6.47 18.55
C GLY C 402 14.44 5.72 19.46
N THR C 403 14.01 5.43 20.68
CA THR C 403 14.89 4.75 21.63
C THR C 403 14.35 3.39 22.07
N LEU C 404 13.68 2.68 21.18
CA LEU C 404 13.20 1.34 21.52
C LEU C 404 14.39 0.38 21.48
N ASN C 405 14.52 -0.42 22.53
CA ASN C 405 15.80 -1.03 22.89
C ASN C 405 15.62 -2.39 23.56
N GLU C 406 16.68 -3.20 23.58
CA GLU C 406 16.64 -4.48 24.28
C GLU C 406 16.52 -4.27 25.79
N GLN C 407 17.08 -3.17 26.27
CA GLN C 407 17.03 -2.81 27.68
C GLN C 407 15.59 -2.72 28.19
N ASP C 408 14.68 -2.40 27.27
CA ASP C 408 13.28 -2.25 27.60
C ASP C 408 12.55 -3.58 27.62
N LEU C 409 12.90 -4.47 26.70
CA LEU C 409 12.34 -5.81 26.70
C LEU C 409 12.80 -6.55 27.95
N LEU C 410 14.07 -6.38 28.27
CA LEU C 410 14.65 -6.91 29.51
C LEU C 410 13.87 -6.37 30.70
N ALA C 411 13.64 -5.06 30.69
CA ALA C 411 12.91 -4.38 31.77
C ALA C 411 11.44 -4.76 31.82
N LEU C 412 11.04 -5.74 31.01
CA LEU C 412 9.66 -6.21 31.01
C LEU C 412 9.56 -7.63 31.56
N ASN C 413 10.70 -8.29 31.73
CA ASN C 413 10.71 -9.60 32.37
C ASN C 413 10.79 -9.41 33.87
N SER C 414 10.66 -8.15 34.27
CA SER C 414 10.56 -7.76 35.68
C SER C 414 9.10 -7.70 36.09
N THR C 415 8.21 -8.14 35.19
CA THR C 415 6.78 -8.19 35.49
C THR C 415 6.16 -9.47 34.91
N LEU C 416 7.00 -10.32 34.32
CA LEU C 416 6.55 -11.60 33.79
C LEU C 416 6.86 -12.74 34.76
N GLY C 417 5.84 -13.45 35.21
CA GLY C 417 6.02 -14.51 36.18
C GLY C 417 5.81 -15.91 35.63
N LYS C 418 5.06 -16.71 36.40
CA LYS C 418 4.80 -18.12 36.09
C LYS C 418 4.35 -18.37 34.66
N PRO C 419 5.00 -19.34 34.00
CA PRO C 419 4.65 -19.74 32.62
C PRO C 419 3.28 -20.42 32.50
N ILE C 420 2.54 -20.05 31.45
CA ILE C 420 1.25 -20.68 31.14
C ILE C 420 1.21 -21.08 29.66
N PRO C 421 0.42 -22.10 29.30
CA PRO C 421 0.48 -22.67 27.95
C PRO C 421 -0.42 -21.98 26.91
N THR C 422 -0.33 -22.44 25.66
CA THR C 422 -1.03 -21.83 24.53
C THR C 422 -1.74 -22.73 23.52
N SER C 423 -2.66 -23.57 23.99
CA SER C 423 -3.36 -24.58 23.30
C SER C 423 -4.21 -25.34 24.33
N PRO C 424 -5.05 -26.36 24.00
CA PRO C 424 -6.30 -26.42 24.76
C PRO C 424 -6.54 -26.54 26.27
N GLU C 425 -7.40 -25.68 26.78
CA GLU C 425 -7.85 -25.82 28.16
C GLU C 425 -9.34 -25.48 28.28
N SER C 426 -10.25 -26.41 27.95
CA SER C 426 -10.03 -27.75 27.42
C SER C 426 -11.41 -28.31 27.06
N VAL C 427 -11.60 -28.75 25.82
CA VAL C 427 -12.94 -29.15 25.35
C VAL C 427 -13.65 -30.18 26.22
N ALA C 428 -14.79 -29.78 26.78
CA ALA C 428 -15.58 -30.67 27.64
C ALA C 428 -16.92 -31.38 27.46
N PRO C 429 -17.19 -31.91 26.26
CA PRO C 429 -18.47 -32.26 25.65
C PRO C 429 -19.14 -33.44 26.37
N GLU C 430 -20.13 -33.20 27.23
CA GLU C 430 -20.62 -34.29 28.07
C GLU C 430 -21.62 -35.25 27.37
N THR C 431 -22.89 -34.91 27.09
CA THR C 431 -23.55 -33.60 27.12
C THR C 431 -24.72 -33.62 28.10
N PRO C 432 -24.95 -32.52 28.84
CA PRO C 432 -26.29 -32.26 29.36
C PRO C 432 -27.51 -31.55 28.79
N ASP C 433 -27.31 -30.77 27.74
CA ASP C 433 -27.47 -29.50 27.06
C ASP C 433 -28.50 -29.69 25.93
#